data_6DEL
#
_entry.id   6DEL
#
_cell.length_a   176.306
_cell.length_b   176.306
_cell.length_c   177.672
_cell.angle_alpha   90.00
_cell.angle_beta   90.00
_cell.angle_gamma   120.00
#
_symmetry.space_group_name_H-M   'P 62 2 2'
#
loop_
_entity.id
_entity.type
_entity.pdbx_description
1 polymer 'Acetolactate synthase'
2 non-polymer 'POTASSIUM ION'
3 non-polymer 'MAGNESIUM ION'
4 non-polymer '2-[[[[(4-CHLORO-6-METHOXY-2-PYRIMIDINYL)AMINO]CARBONYL]AMINO]SULFONYL]BENZOIC ACID ETHYL ESTER'
5 non-polymer 'FLAVIN-ADENINE DINUCLEOTIDE'
6 non-polymer '(3Z)-4-{[(4-AMINO-2-METHYLPYRIMIDIN-5-YL)METHYL]AMINO}-3-MERCAPTOPENT-3-EN-1-YL TRIHYDROGEN DIPHOSPHATE'
7 non-polymer '(3Z)-4-{[(4-amino-2-methylpyrimidin-5-yl)methyl](formyl)amino}-3-sulfanylpent-3-en-1-yl trihydrogen diphosphate'
8 non-polymer 'FORMIC ACID'
9 water water
#
_entity_poly.entity_id   1
_entity_poly.type   'polypeptide(L)'
_entity_poly.pdbx_seq_one_letter_code
;MHHHHHHSSGLVPRGSGMKETAAAKFERQHMDSPDLGTDDDDKAMAFNTADTSTQPIINDPTLNKHQSSAISRKKKEQLM
DDSFIGLTGGEIFHEMMLRHKVDTVFGYAGGAILPVFDAIYNSDKFKFVLPRHEQGAGHMAEGYARASGKPGVVLVTSGP
GATNVITPMADALMDGVPLVVFSGQVPTTAIGTDAFQEADIVGISRSCTKWNVMVKNVAELPRRINEAFEIATTGRPGPV
LVDLPKDVTASILRESIPINTTLPSNALSQITKKAVSEFTSEAIKRAANILNKAKKPIIYAGAGILNNEQGPKLLKELAD
KANIPVTTTLQGLGAFDQRDPKSLDMLGMHGSAAANTAIQNADCIIALGARFDDRVTGNISKFAPEAKLAASEGRGGILH
FEISPKNINKVVEATEAIEGDVTANLQSFIPLVDSIENRPEWFNKINEWKKKYPYSYQLETPGSLIKPQTLIKEISDQAQ
TYNKEVIVTTGVGQHQMWAAQHFTWTQPRTMITSGGLGTMGYGLPAAIGAQVAKPDAIVIDIDGDASFNMTLTELSSAVQ
AGAPIKVCVLNNEEQGMVTQWQSLFYEHRYSHTHQSNPDFMKLAESMNVKGIRITNQQELKSGVKEFLDATEPVLLEVIV
EKKVPVLPMVPAGKALDDFILWDAEVEKQQNDLRKERTGGKY
;
_entity_poly.pdbx_strand_id   A
#
loop_
_chem_comp.id
_chem_comp.type
_chem_comp.name
_chem_comp.formula
CIE non-polymer '2-[[[[(4-CHLORO-6-METHOXY-2-PYRIMIDINYL)AMINO]CARBONYL]AMINO]SULFONYL]BENZOIC ACID ETHYL ESTER' 'C15 H15 Cl N4 O6 S'
FAD non-polymer 'FLAVIN-ADENINE DINUCLEOTIDE' 'C27 H33 N9 O15 P2'
FMT non-polymer 'FORMIC ACID' 'C H2 O2'
G8G non-polymer '(3Z)-4-{[(4-amino-2-methylpyrimidin-5-yl)methyl](formyl)amino}-3-sulfanylpent-3-en-1-yl trihydrogen diphosphate' 'C12 H20 N4 O8 P2 S'
K non-polymer 'POTASSIUM ION' 'K 1'
MG non-polymer 'MAGNESIUM ION' 'Mg 2'
TP9 non-polymer '(3Z)-4-{[(4-AMINO-2-METHYLPYRIMIDIN-5-YL)METHYL]AMINO}-3-MERCAPTOPENT-3-EN-1-YL TRIHYDROGEN DIPHOSPHATE' 'C11 H18 N4 O7 P2 S -2'
#
# COMPACT_ATOMS: atom_id res chain seq x y z
N LYS A 76 2.83 -8.00 46.06
CA LYS A 76 1.48 -8.51 45.86
C LYS A 76 0.51 -7.39 45.48
N GLU A 77 0.31 -6.45 46.39
CA GLU A 77 -0.47 -5.25 46.09
C GLU A 77 0.30 -4.39 45.08
N GLN A 78 1.59 -4.65 44.96
CA GLN A 78 2.43 -3.94 44.00
C GLN A 78 2.21 -4.50 42.59
N LEU A 79 1.72 -5.73 42.52
CA LEU A 79 1.51 -6.38 41.23
C LEU A 79 0.07 -6.28 40.74
N MET A 80 -0.83 -5.86 41.63
CA MET A 80 -2.23 -5.66 41.24
C MET A 80 -2.54 -4.18 41.11
N ASP A 81 -3.51 -3.86 40.27
CA ASP A 81 -3.92 -2.47 40.07
C ASP A 81 -5.41 -2.32 40.28
N ASP A 82 -5.81 -1.26 40.98
CA ASP A 82 -7.22 -1.03 41.24
C ASP A 82 -7.65 0.33 40.70
N SER A 83 -6.77 0.99 39.95
CA SER A 83 -7.04 2.32 39.44
C SER A 83 -8.20 2.37 38.44
N PHE A 84 -8.53 1.23 37.83
CA PHE A 84 -9.63 1.21 36.86
C PHE A 84 -10.96 0.81 37.50
N ILE A 85 -10.94 0.45 38.77
CA ILE A 85 -12.17 0.02 39.45
C ILE A 85 -13.17 1.17 39.49
N GLY A 86 -14.41 0.90 39.12
CA GLY A 86 -15.42 1.94 39.07
C GLY A 86 -15.68 2.49 37.67
N LEU A 87 -14.75 2.23 36.74
CA LEU A 87 -14.90 2.65 35.35
C LEU A 87 -15.73 1.66 34.54
N THR A 88 -16.47 2.14 33.55
CA THR A 88 -17.12 1.24 32.59
C THR A 88 -16.09 0.69 31.62
N GLY A 89 -16.45 -0.40 30.93
CA GLY A 89 -15.63 -0.93 29.86
C GLY A 89 -15.33 0.14 28.82
N GLY A 90 -16.32 0.97 28.50
CA GLY A 90 -16.13 2.07 27.57
C GLY A 90 -15.06 3.05 28.02
N GLU A 91 -15.11 3.44 29.29
CA GLU A 91 -14.12 4.36 29.84
C GLU A 91 -12.72 3.75 29.91
N ILE A 92 -12.67 2.44 30.12
CA ILE A 92 -11.40 1.74 30.16
C ILE A 92 -10.81 1.72 28.75
N PHE A 93 -11.67 1.52 27.76
CA PHE A 93 -11.25 1.59 26.36
C PHE A 93 -10.59 2.94 26.08
N HIS A 94 -11.26 4.00 26.50
CA HIS A 94 -10.77 5.36 26.30
C HIS A 94 -9.38 5.53 26.91
N GLU A 95 -9.25 5.15 28.17
CA GLU A 95 -7.96 5.24 28.86
C GLU A 95 -6.85 4.43 28.17
N MET A 96 -7.17 3.23 27.70
CA MET A 96 -6.16 2.41 27.03
C MET A 96 -5.73 3.00 25.68
N MET A 97 -6.65 3.67 24.97
CA MET A 97 -6.27 4.34 23.73
C MET A 97 -5.20 5.39 24.03
N LEU A 98 -5.40 6.13 25.11
CA LEU A 98 -4.45 7.16 25.53
CA LEU A 98 -4.45 7.16 25.52
C LEU A 98 -3.09 6.54 25.81
N ARG A 99 -3.09 5.45 26.56
CA ARG A 99 -1.84 4.79 26.95
C ARG A 99 -1.12 4.20 25.74
N HIS A 100 -1.85 3.88 24.68
CA HIS A 100 -1.20 3.37 23.48
C HIS A 100 -0.84 4.48 22.50
N LYS A 101 -0.95 5.73 22.96
CA LYS A 101 -0.59 6.91 22.17
C LYS A 101 -1.39 7.00 20.87
N VAL A 102 -2.65 6.59 20.93
CA VAL A 102 -3.56 6.73 19.79
C VAL A 102 -3.96 8.20 19.66
N ASP A 103 -3.71 8.82 18.51
CA ASP A 103 -4.11 10.23 18.37
C ASP A 103 -5.28 10.39 17.40
N THR A 104 -5.67 9.30 16.74
CA THR A 104 -6.74 9.34 15.76
C THR A 104 -7.54 8.06 15.77
N VAL A 105 -8.87 8.18 15.76
CA VAL A 105 -9.74 7.03 15.61
C VAL A 105 -10.70 7.24 14.44
N PHE A 106 -10.82 6.23 13.58
CA PHE A 106 -11.75 6.27 12.46
C PHE A 106 -12.94 5.36 12.77
N GLY A 107 -14.15 5.88 12.75
CA GLY A 107 -15.28 5.05 13.12
C GLY A 107 -16.66 5.60 12.83
N TYR A 108 -17.67 4.82 13.25
CA TYR A 108 -19.06 5.10 12.92
C TYR A 108 -19.93 4.43 13.98
N ALA A 109 -20.90 5.16 14.52
CA ALA A 109 -21.66 4.69 15.67
C ALA A 109 -22.75 3.67 15.34
N GLY A 110 -23.34 3.10 16.38
CA GLY A 110 -24.39 2.11 16.26
C GLY A 110 -24.80 1.64 17.64
N GLY A 111 -25.94 0.96 17.74
CA GLY A 111 -26.49 0.57 19.01
C GLY A 111 -25.55 -0.24 19.92
N ALA A 112 -24.84 -1.20 19.34
CA ALA A 112 -24.03 -2.12 20.15
C ALA A 112 -22.77 -1.47 20.72
N ILE A 113 -22.30 -0.40 20.08
CA ILE A 113 -21.05 0.23 20.47
C ILE A 113 -21.29 1.56 21.21
N LEU A 114 -22.55 1.86 21.52
CA LEU A 114 -22.89 3.10 22.22
C LEU A 114 -22.19 3.32 23.58
N PRO A 115 -21.97 2.25 24.37
CA PRO A 115 -21.26 2.53 25.63
C PRO A 115 -19.84 3.05 25.41
N VAL A 116 -19.22 2.65 24.31
CA VAL A 116 -17.88 3.14 24.02
C VAL A 116 -17.96 4.56 23.47
N PHE A 117 -18.94 4.80 22.59
CA PHE A 117 -19.10 6.14 22.05
C PHE A 117 -19.47 7.13 23.15
N ASP A 118 -20.21 6.69 24.15
CA ASP A 118 -20.53 7.60 25.26
C ASP A 118 -19.29 7.97 26.06
N ALA A 119 -18.38 7.00 26.22
CA ALA A 119 -17.16 7.25 26.97
C ALA A 119 -16.19 8.20 26.25
N ILE A 120 -16.18 8.17 24.92
CA ILE A 120 -15.24 9.01 24.18
C ILE A 120 -15.90 10.33 23.75
N TYR A 121 -17.12 10.56 24.23
CA TYR A 121 -17.87 11.78 23.94
C TYR A 121 -17.07 13.05 24.26
N ASN A 122 -16.90 13.91 23.26
CA ASN A 122 -16.13 15.15 23.38
C ASN A 122 -14.73 14.96 23.94
N SER A 123 -14.10 13.84 23.64
CA SER A 123 -12.75 13.62 24.10
C SER A 123 -11.79 14.58 23.41
N ASP A 124 -10.88 15.16 24.17
CA ASP A 124 -9.88 16.04 23.60
C ASP A 124 -8.53 15.32 23.51
N LYS A 125 -8.57 14.00 23.68
CA LYS A 125 -7.36 13.19 23.73
C LYS A 125 -6.98 12.61 22.37
N PHE A 126 -7.94 12.55 21.46
CA PHE A 126 -7.64 12.12 20.09
C PHE A 126 -8.64 12.72 19.11
N LYS A 127 -8.26 12.75 17.83
CA LYS A 127 -9.16 13.21 16.79
C LYS A 127 -10.02 12.05 16.32
N PHE A 128 -11.33 12.29 16.22
CA PHE A 128 -12.23 11.26 15.70
C PHE A 128 -12.58 11.61 14.26
N VAL A 129 -12.50 10.64 13.36
CA VAL A 129 -12.83 10.89 11.97
C VAL A 129 -14.03 10.05 11.55
N LEU A 130 -15.08 10.73 11.09
CA LEU A 130 -16.32 10.09 10.70
C LEU A 130 -16.42 9.97 9.18
N PRO A 131 -16.50 8.73 8.66
CA PRO A 131 -16.68 8.53 7.22
C PRO A 131 -18.16 8.50 6.87
N ARG A 132 -18.49 8.09 5.66
CA ARG A 132 -19.90 7.90 5.31
C ARG A 132 -20.26 6.41 5.32
N HIS A 133 -19.23 5.56 5.31
CA HIS A 133 -19.40 4.11 5.19
C HIS A 133 -18.23 3.47 5.95
N GLU A 134 -18.45 2.37 6.65
CA GLU A 134 -17.37 1.76 7.44
C GLU A 134 -16.21 1.26 6.59
N GLN A 135 -16.45 0.94 5.32
CA GLN A 135 -15.34 0.60 4.43
C GLN A 135 -14.40 1.80 4.33
N GLY A 136 -14.99 2.99 4.29
CA GLY A 136 -14.22 4.22 4.29
C GLY A 136 -13.34 4.34 5.53
N ALA A 137 -13.92 4.09 6.71
CA ALA A 137 -13.16 4.14 7.95
C ALA A 137 -11.96 3.20 7.87
N GLY A 138 -12.20 1.99 7.36
CA GLY A 138 -11.16 0.98 7.24
C GLY A 138 -10.02 1.42 6.34
N HIS A 139 -10.35 1.91 5.15
CA HIS A 139 -9.30 2.34 4.22
C HIS A 139 -8.63 3.63 4.69
N MET A 140 -9.39 4.50 5.36
CA MET A 140 -8.79 5.68 5.95
C MET A 140 -7.73 5.29 6.97
N ALA A 141 -8.09 4.34 7.84
CA ALA A 141 -7.16 3.89 8.86
C ALA A 141 -5.92 3.27 8.21
N GLU A 142 -6.11 2.57 7.10
CA GLU A 142 -4.98 2.03 6.35
C GLU A 142 -4.06 3.15 5.84
N GLY A 143 -4.65 4.17 5.21
CA GLY A 143 -3.88 5.29 4.71
C GLY A 143 -3.12 5.98 5.83
N TYR A 144 -3.79 6.17 6.96
CA TYR A 144 -3.19 6.74 8.16
C TYR A 144 -1.98 5.93 8.61
N ALA A 145 -2.14 4.62 8.67
CA ALA A 145 -1.09 3.73 9.14
C ALA A 145 0.12 3.75 8.23
N ARG A 146 -0.12 3.72 6.92
CA ARG A 146 1.01 3.66 6.00
C ARG A 146 1.78 4.98 5.93
N ALA A 147 1.07 6.10 6.09
CA ALA A 147 1.73 7.39 6.10
C ALA A 147 2.50 7.64 7.40
N SER A 148 1.99 7.14 8.52
CA SER A 148 2.52 7.49 9.83
C SER A 148 3.44 6.45 10.46
N GLY A 149 3.32 5.19 10.05
CA GLY A 149 4.01 4.12 10.72
C GLY A 149 3.39 3.72 12.06
N LYS A 150 2.24 4.29 12.39
CA LYS A 150 1.48 3.91 13.59
C LYS A 150 0.30 3.01 13.20
N PRO A 151 -0.24 2.24 14.16
CA PRO A 151 -1.45 1.46 13.81
C PRO A 151 -2.66 2.34 13.55
N GLY A 152 -3.47 1.97 12.55
CA GLY A 152 -4.72 2.67 12.29
C GLY A 152 -5.84 2.05 13.10
N VAL A 153 -6.55 2.87 13.87
CA VAL A 153 -7.58 2.36 14.77
C VAL A 153 -8.99 2.61 14.24
N VAL A 154 -9.78 1.54 14.17
CA VAL A 154 -11.14 1.57 13.67
C VAL A 154 -12.12 1.22 14.78
N LEU A 155 -13.22 1.97 14.86
CA LEU A 155 -14.25 1.72 15.88
C LEU A 155 -15.63 1.68 15.25
N VAL A 156 -16.22 0.49 15.13
CA VAL A 156 -17.50 0.34 14.46
C VAL A 156 -18.49 -0.43 15.31
N THR A 157 -19.75 -0.49 14.84
CA THR A 157 -20.77 -1.18 15.59
C THR A 157 -20.89 -2.64 15.13
N SER A 158 -21.82 -3.37 15.71
CA SER A 158 -22.01 -4.78 15.40
C SER A 158 -22.62 -4.98 14.02
N GLY A 159 -22.74 -6.25 13.62
CA GLY A 159 -23.49 -6.61 12.44
C GLY A 159 -22.92 -6.00 11.16
N PRO A 160 -23.73 -5.18 10.47
CA PRO A 160 -23.31 -4.63 9.18
C PRO A 160 -22.17 -3.62 9.34
N GLY A 161 -22.07 -3.00 10.51
CA GLY A 161 -20.96 -2.10 10.78
C GLY A 161 -19.65 -2.87 10.70
N ALA A 162 -19.66 -4.09 11.23
CA ALA A 162 -18.45 -4.90 11.31
C ALA A 162 -18.18 -5.63 10.00
N THR A 163 -19.21 -6.15 9.36
CA THR A 163 -18.99 -6.85 8.10
C THR A 163 -18.51 -5.87 7.03
N ASN A 164 -18.84 -4.59 7.17
CA ASN A 164 -18.40 -3.58 6.22
C ASN A 164 -16.90 -3.29 6.25
N VAL A 165 -16.21 -3.75 7.30
N VAL A 165 -16.20 -3.73 7.30
CA VAL A 165 -14.77 -3.55 7.45
CA VAL A 165 -14.75 -3.50 7.33
C VAL A 165 -13.97 -4.76 6.93
C VAL A 165 -13.98 -4.79 7.02
N ILE A 166 -14.66 -5.76 6.42
CA ILE A 166 -13.98 -6.98 5.97
C ILE A 166 -13.01 -6.74 4.80
N THR A 167 -13.43 -6.00 3.77
CA THR A 167 -12.53 -5.73 2.66
C THR A 167 -11.26 -4.97 3.12
N PRO A 168 -11.41 -3.90 3.92
CA PRO A 168 -10.20 -3.25 4.46
C PRO A 168 -9.29 -4.18 5.27
N MET A 169 -9.87 -5.07 6.07
CA MET A 169 -9.07 -6.04 6.81
C MET A 169 -8.30 -6.98 5.86
N ALA A 170 -8.97 -7.52 4.86
CA ALA A 170 -8.31 -8.41 3.91
C ALA A 170 -7.23 -7.65 3.16
N ASP A 171 -7.52 -6.38 2.88
CA ASP A 171 -6.58 -5.49 2.23
C ASP A 171 -5.34 -5.31 3.09
N ALA A 172 -5.56 -5.01 4.37
CA ALA A 172 -4.46 -4.77 5.31
C ALA A 172 -3.59 -6.00 5.51
N LEU A 173 -4.22 -7.17 5.52
CA LEU A 173 -3.49 -8.42 5.64
C LEU A 173 -2.54 -8.64 4.46
N MET A 174 -3.06 -8.47 3.24
CA MET A 174 -2.26 -8.70 2.04
C MET A 174 -1.09 -7.71 1.90
N ASP A 175 -1.25 -6.49 2.42
CA ASP A 175 -0.23 -5.44 2.28
C ASP A 175 0.56 -5.15 3.55
N GLY A 176 0.35 -5.96 4.59
CA GLY A 176 1.12 -5.82 5.81
C GLY A 176 0.88 -4.53 6.57
N VAL A 177 -0.40 -4.15 6.71
CA VAL A 177 -0.77 -2.88 7.33
C VAL A 177 -1.32 -3.07 8.74
N PRO A 178 -0.74 -2.38 9.73
CA PRO A 178 -1.16 -2.53 11.13
C PRO A 178 -2.50 -1.84 11.39
N LEU A 179 -3.54 -2.65 11.45
CA LEU A 179 -4.90 -2.16 11.59
C LEU A 179 -5.50 -2.74 12.86
N VAL A 180 -6.00 -1.91 13.76
CA VAL A 180 -6.65 -2.44 14.95
C VAL A 180 -8.13 -2.12 14.93
N VAL A 181 -8.94 -3.14 14.66
CA VAL A 181 -10.38 -2.96 14.50
C VAL A 181 -11.16 -3.36 15.76
N PHE A 182 -11.88 -2.39 16.33
CA PHE A 182 -12.77 -2.64 17.45
C PHE A 182 -14.22 -2.62 16.96
N SER A 183 -14.90 -3.75 17.10
CA SER A 183 -16.29 -3.87 16.65
C SER A 183 -17.23 -4.13 17.81
N GLY A 184 -18.29 -3.34 17.89
CA GLY A 184 -19.35 -3.60 18.85
C GLY A 184 -19.97 -4.95 18.55
N GLN A 185 -20.59 -5.53 19.58
CA GLN A 185 -21.24 -6.83 19.44
C GLN A 185 -22.48 -6.81 20.34
N VAL A 186 -23.49 -7.59 19.98
CA VAL A 186 -24.68 -7.76 20.83
C VAL A 186 -24.24 -8.31 22.20
N PRO A 187 -25.06 -8.09 23.26
CA PRO A 187 -24.72 -8.58 24.60
C PRO A 187 -24.40 -10.06 24.61
N THR A 188 -23.55 -10.48 25.54
CA THR A 188 -23.17 -11.90 25.64
C THR A 188 -24.40 -12.79 25.81
N THR A 189 -25.42 -12.27 26.50
CA THR A 189 -26.67 -13.00 26.68
C THR A 189 -27.46 -13.22 25.39
N ALA A 190 -27.05 -12.57 24.30
CA ALA A 190 -27.78 -12.65 23.03
C ALA A 190 -26.97 -13.33 21.93
N ILE A 191 -25.68 -13.51 22.16
CA ILE A 191 -24.79 -14.13 21.17
C ILE A 191 -25.22 -15.57 20.90
N GLY A 192 -25.23 -15.95 19.61
CA GLY A 192 -25.63 -17.28 19.21
C GLY A 192 -27.13 -17.48 19.04
N THR A 193 -27.91 -16.40 19.13
CA THR A 193 -29.36 -16.50 19.00
C THR A 193 -29.90 -15.93 17.69
N ASP A 194 -29.01 -15.64 16.75
CA ASP A 194 -29.35 -14.88 15.53
C ASP A 194 -29.99 -13.56 15.93
N ALA A 195 -29.34 -12.88 16.86
CA ALA A 195 -29.86 -11.65 17.46
C ALA A 195 -29.91 -10.49 16.48
N PHE A 196 -30.64 -9.45 16.86
CA PHE A 196 -30.66 -8.20 16.11
C PHE A 196 -29.27 -7.63 15.87
N GLN A 197 -28.92 -7.42 14.61
CA GLN A 197 -27.60 -6.92 14.19
C GLN A 197 -26.44 -7.76 14.70
N GLU A 198 -26.63 -9.07 14.81
CA GLU A 198 -25.55 -9.95 15.20
C GLU A 198 -24.90 -10.60 14.00
N ALA A 199 -23.60 -10.39 13.85
CA ALA A 199 -22.84 -11.16 12.89
C ALA A 199 -21.76 -11.93 13.66
N ASP A 200 -21.38 -13.08 13.13
CA ASP A 200 -20.27 -13.83 13.68
C ASP A 200 -18.96 -13.25 13.14
N ILE A 201 -18.60 -12.05 13.59
CA ILE A 201 -17.47 -11.36 12.98
C ILE A 201 -16.13 -12.04 13.32
N VAL A 202 -16.06 -12.71 14.48
CA VAL A 202 -14.84 -13.45 14.83
C VAL A 202 -14.63 -14.60 13.84
N GLY A 203 -15.71 -15.30 13.49
CA GLY A 203 -15.63 -16.35 12.50
C GLY A 203 -15.36 -15.81 11.11
N ILE A 204 -16.07 -14.74 10.74
CA ILE A 204 -15.94 -14.21 9.38
C ILE A 204 -14.57 -13.59 9.15
N SER A 205 -14.06 -12.86 10.13
CA SER A 205 -12.78 -12.15 9.97
C SER A 205 -11.56 -13.02 10.26
N ARG A 206 -11.76 -14.28 10.62
CA ARG A 206 -10.63 -15.13 11.01
C ARG A 206 -9.57 -15.25 9.92
N SER A 207 -10.00 -15.46 8.68
CA SER A 207 -9.07 -15.64 7.56
C SER A 207 -8.47 -14.33 7.06
N CYS A 208 -9.00 -13.19 7.48
CA CYS A 208 -8.39 -11.93 7.04
C CYS A 208 -7.88 -11.07 8.19
N THR A 209 -7.50 -11.71 9.29
CA THR A 209 -6.80 -11.04 10.37
C THR A 209 -5.61 -11.89 10.83
N LYS A 210 -4.59 -11.24 11.40
CA LYS A 210 -3.52 -11.97 12.06
C LYS A 210 -4.07 -12.71 13.26
N TRP A 211 -5.08 -12.11 13.90
CA TRP A 211 -5.59 -12.56 15.17
C TRP A 211 -6.87 -11.81 15.50
N ASN A 212 -7.82 -12.47 16.14
CA ASN A 212 -8.98 -11.77 16.66
C ASN A 212 -9.44 -12.38 17.97
N VAL A 213 -10.38 -11.74 18.62
CA VAL A 213 -10.82 -12.15 19.94
C VAL A 213 -12.15 -11.49 20.27
N MET A 214 -12.95 -12.17 21.07
CA MET A 214 -14.12 -11.53 21.65
C MET A 214 -13.91 -11.38 23.14
N VAL A 215 -13.96 -10.15 23.61
CA VAL A 215 -13.80 -9.87 25.03
C VAL A 215 -15.03 -10.37 25.78
N LYS A 216 -14.82 -11.13 26.84
CA LYS A 216 -15.95 -11.78 27.51
C LYS A 216 -16.30 -11.16 28.85
N ASN A 217 -15.41 -10.34 29.38
CA ASN A 217 -15.70 -9.57 30.60
C ASN A 217 -14.76 -8.39 30.71
N VAL A 218 -15.18 -7.37 31.46
CA VAL A 218 -14.47 -6.11 31.46
C VAL A 218 -13.06 -6.25 32.07
N ALA A 219 -12.89 -7.21 32.97
CA ALA A 219 -11.60 -7.40 33.63
C ALA A 219 -10.48 -7.78 32.67
N GLU A 220 -10.82 -8.42 31.55
CA GLU A 220 -9.78 -8.80 30.59
C GLU A 220 -9.66 -7.80 29.42
N LEU A 221 -10.46 -6.74 29.46
CA LEU A 221 -10.44 -5.77 28.37
C LEU A 221 -9.06 -5.08 28.19
N PRO A 222 -8.44 -4.62 29.29
CA PRO A 222 -7.12 -4.00 29.06
C PRO A 222 -6.09 -4.97 28.46
N ARG A 223 -6.11 -6.23 28.91
CA ARG A 223 -5.18 -7.22 28.38
C ARG A 223 -5.42 -7.48 26.89
N ARG A 224 -6.67 -7.63 26.49
CA ARG A 224 -6.99 -7.89 25.09
C ARG A 224 -6.59 -6.71 24.20
N ILE A 225 -6.74 -5.49 24.70
CA ILE A 225 -6.32 -4.32 23.94
C ILE A 225 -4.79 -4.30 23.75
N ASN A 226 -4.05 -4.58 24.81
CA ASN A 226 -2.59 -4.70 24.72
C ASN A 226 -2.13 -5.74 23.70
N GLU A 227 -2.73 -6.92 23.76
CA GLU A 227 -2.39 -8.01 22.86
C GLU A 227 -2.64 -7.62 21.41
N ALA A 228 -3.77 -6.94 21.17
CA ALA A 228 -4.16 -6.53 19.84
C ALA A 228 -3.12 -5.60 19.23
N PHE A 229 -2.76 -4.54 19.94
CA PHE A 229 -1.78 -3.58 19.45
C PHE A 229 -0.42 -4.26 19.24
N GLU A 230 -0.05 -5.16 20.15
CA GLU A 230 1.23 -5.84 20.05
C GLU A 230 1.29 -6.73 18.81
N ILE A 231 0.26 -7.53 18.60
CA ILE A 231 0.24 -8.44 17.46
C ILE A 231 0.18 -7.66 16.14
N ALA A 232 -0.60 -6.59 16.11
CA ALA A 232 -0.75 -5.76 14.91
C ALA A 232 0.58 -5.16 14.44
N THR A 233 1.43 -4.80 15.38
CA THR A 233 2.63 -4.04 15.06
C THR A 233 3.94 -4.83 15.04
N THR A 234 3.90 -6.10 15.44
CA THR A 234 5.12 -6.91 15.48
C THR A 234 5.11 -7.97 14.37
N GLY A 235 6.25 -8.60 14.13
CA GLY A 235 6.40 -9.52 13.02
C GLY A 235 6.12 -8.76 11.74
N ARG A 236 5.49 -9.40 10.77
CA ARG A 236 4.92 -8.63 9.66
C ARG A 236 3.66 -7.97 10.18
N PRO A 237 3.59 -6.64 10.11
CA PRO A 237 2.40 -5.95 10.61
C PRO A 237 1.14 -6.40 9.88
N GLY A 238 -0.01 -6.33 10.53
CA GLY A 238 -1.26 -6.75 9.92
C GLY A 238 -2.45 -6.39 10.77
N PRO A 239 -3.66 -6.66 10.28
CA PRO A 239 -4.87 -6.30 11.01
C PRO A 239 -5.24 -7.29 12.11
N VAL A 240 -5.82 -6.77 13.18
CA VAL A 240 -6.43 -7.58 14.23
C VAL A 240 -7.82 -7.05 14.52
N LEU A 241 -8.72 -7.92 14.99
CA LEU A 241 -10.05 -7.46 15.37
C LEU A 241 -10.38 -7.84 16.81
N VAL A 242 -10.96 -6.90 17.54
CA VAL A 242 -11.40 -7.12 18.91
C VAL A 242 -12.90 -6.84 19.02
N ASP A 243 -13.66 -7.89 19.32
CA ASP A 243 -15.12 -7.84 19.39
C ASP A 243 -15.57 -7.46 20.81
N LEU A 244 -16.47 -6.47 20.91
CA LEU A 244 -16.81 -5.86 22.20
C LEU A 244 -18.30 -5.92 22.51
N PRO A 245 -18.74 -6.98 23.22
CA PRO A 245 -20.15 -7.12 23.55
C PRO A 245 -20.65 -5.94 24.36
N LYS A 246 -21.87 -5.51 24.07
CA LYS A 246 -22.41 -4.30 24.66
C LYS A 246 -22.51 -4.36 26.20
N ASP A 247 -22.84 -5.53 26.74
CA ASP A 247 -22.94 -5.63 28.20
C ASP A 247 -21.56 -5.57 28.85
N VAL A 248 -20.52 -5.97 28.11
CA VAL A 248 -19.17 -5.84 28.64
C VAL A 248 -18.73 -4.37 28.70
N THR A 249 -18.99 -3.62 27.63
CA THR A 249 -18.52 -2.23 27.59
C THR A 249 -19.37 -1.35 28.50
N ALA A 250 -20.63 -1.75 28.73
CA ALA A 250 -21.49 -1.06 29.69
C ALA A 250 -21.19 -1.44 31.14
N SER A 251 -20.65 -2.64 31.36
CA SER A 251 -20.39 -3.11 32.73
C SER A 251 -19.26 -2.33 33.39
N ILE A 252 -19.23 -2.36 34.72
CA ILE A 252 -18.24 -1.62 35.49
C ILE A 252 -17.25 -2.58 36.15
N LEU A 253 -15.96 -2.22 36.11
CA LEU A 253 -14.93 -3.05 36.72
C LEU A 253 -15.00 -2.98 38.25
N ARG A 254 -15.20 -4.13 38.88
CA ARG A 254 -15.34 -4.18 40.34
C ARG A 254 -14.13 -4.83 41.03
N GLU A 255 -13.20 -5.36 40.26
CA GLU A 255 -12.07 -6.09 40.83
C GLU A 255 -10.73 -5.56 40.31
N SER A 256 -9.70 -5.72 41.11
CA SER A 256 -8.35 -5.32 40.70
C SER A 256 -7.82 -6.26 39.62
N ILE A 257 -6.89 -5.78 38.82
CA ILE A 257 -6.36 -6.54 37.69
C ILE A 257 -4.83 -6.44 37.67
N PRO A 258 -4.15 -7.45 37.09
CA PRO A 258 -2.69 -7.43 37.02
C PRO A 258 -2.18 -6.13 36.42
N ILE A 259 -1.30 -5.45 37.15
CA ILE A 259 -0.80 -4.15 36.73
C ILE A 259 -0.09 -4.22 35.37
N ASN A 260 0.39 -5.40 34.99
CA ASN A 260 1.04 -5.57 33.70
C ASN A 260 0.06 -5.37 32.54
N THR A 261 -1.22 -5.66 32.79
CA THR A 261 -2.22 -5.58 31.74
C THR A 261 -2.71 -4.16 31.52
N THR A 262 -2.37 -3.25 32.43
CA THR A 262 -2.82 -1.87 32.31
C THR A 262 -1.78 -1.00 31.59
N LEU A 263 -0.70 -1.63 31.16
CA LEU A 263 0.36 -0.94 30.45
C LEU A 263 0.73 -1.67 29.16
N PRO A 264 0.98 -0.91 28.09
CA PRO A 264 1.52 -1.44 26.84
C PRO A 264 2.93 -1.99 27.03
N SER A 265 3.43 -2.73 26.05
CA SER A 265 4.79 -3.27 26.11
C SER A 265 5.85 -2.20 26.30
N VAL A 276 20.16 -11.31 19.21
CA VAL A 276 20.51 -11.90 17.93
C VAL A 276 21.00 -13.33 18.08
N SER A 277 20.22 -14.29 17.58
CA SER A 277 20.57 -15.70 17.71
C SER A 277 21.84 -16.03 16.94
N GLU A 278 22.62 -16.97 17.49
CA GLU A 278 23.85 -17.42 16.86
C GLU A 278 23.58 -18.00 15.47
N PHE A 279 22.42 -18.63 15.30
CA PHE A 279 22.05 -19.20 14.01
C PHE A 279 21.95 -18.11 12.94
N THR A 280 21.33 -16.99 13.29
CA THR A 280 21.14 -15.88 12.36
C THR A 280 22.45 -15.14 12.12
N SER A 281 23.23 -14.97 13.18
CA SER A 281 24.55 -14.36 13.07
C SER A 281 25.46 -15.11 12.10
N GLU A 282 25.38 -16.44 12.14
CA GLU A 282 26.17 -17.27 11.22
C GLU A 282 25.66 -17.17 9.80
N ALA A 283 24.34 -17.03 9.66
CA ALA A 283 23.73 -16.89 8.34
C ALA A 283 24.17 -15.57 7.70
N ILE A 284 24.22 -14.51 8.51
CA ILE A 284 24.66 -13.20 8.03
C ILE A 284 26.10 -13.26 7.52
N LYS A 285 27.00 -13.84 8.32
CA LYS A 285 28.40 -14.02 7.91
C LYS A 285 28.50 -14.77 6.60
N ARG A 286 27.73 -15.85 6.48
CA ARG A 286 27.73 -16.64 5.26
C ARG A 286 27.22 -15.81 4.09
N ALA A 287 26.17 -15.01 4.34
CA ALA A 287 25.59 -14.17 3.29
C ALA A 287 26.60 -13.12 2.81
N ALA A 288 27.33 -12.54 3.74
CA ALA A 288 28.37 -11.57 3.40
C ALA A 288 29.43 -12.20 2.50
N ASN A 289 29.88 -13.39 2.86
CA ASN A 289 30.89 -14.07 2.06
C ASN A 289 30.38 -14.33 0.65
N ILE A 290 29.09 -14.64 0.52
CA ILE A 290 28.50 -14.87 -0.79
C ILE A 290 28.47 -13.60 -1.62
N LEU A 291 28.06 -12.49 -1.00
CA LEU A 291 28.02 -11.20 -1.70
C LEU A 291 29.43 -10.76 -2.09
N ASN A 292 30.40 -10.99 -1.21
CA ASN A 292 31.78 -10.60 -1.48
C ASN A 292 32.40 -11.33 -2.67
N LYS A 293 31.77 -12.41 -3.11
CA LYS A 293 32.20 -13.13 -4.31
C LYS A 293 31.48 -12.64 -5.57
N ALA A 294 30.38 -11.91 -5.39
CA ALA A 294 29.47 -11.62 -6.50
C ALA A 294 30.07 -10.64 -7.52
N LYS A 295 29.74 -10.87 -8.79
CA LYS A 295 30.21 -10.03 -9.87
C LYS A 295 29.08 -9.25 -10.54
N LYS A 296 27.84 -9.70 -10.31
CA LYS A 296 26.67 -9.02 -10.84
C LYS A 296 25.57 -8.94 -9.79
N PRO A 297 25.81 -8.18 -8.70
CA PRO A 297 24.81 -8.15 -7.64
C PRO A 297 23.65 -7.22 -7.94
N ILE A 298 22.51 -7.46 -7.31
CA ILE A 298 21.37 -6.57 -7.40
C ILE A 298 20.57 -6.62 -6.10
N ILE A 299 20.15 -5.46 -5.63
CA ILE A 299 19.27 -5.37 -4.48
C ILE A 299 17.82 -5.32 -4.94
N TYR A 300 16.99 -6.17 -4.34
CA TYR A 300 15.56 -6.22 -4.62
C TYR A 300 14.84 -5.85 -3.33
N ALA A 301 14.40 -4.59 -3.24
CA ALA A 301 13.93 -4.05 -1.97
C ALA A 301 12.41 -3.79 -1.98
N GLY A 302 11.77 -4.08 -0.85
CA GLY A 302 10.33 -3.92 -0.76
C GLY A 302 9.87 -3.22 0.50
N ALA A 303 8.58 -3.36 0.78
CA ALA A 303 7.90 -2.68 1.88
C ALA A 303 8.57 -2.83 3.25
N GLY A 304 9.23 -3.96 3.48
CA GLY A 304 9.80 -4.23 4.78
C GLY A 304 10.88 -3.25 5.18
N ILE A 305 11.58 -2.71 4.20
CA ILE A 305 12.65 -1.76 4.47
C ILE A 305 12.05 -0.45 5.02
N LEU A 306 10.77 -0.23 4.75
CA LEU A 306 10.08 0.98 5.22
C LEU A 306 9.57 0.85 6.66
N ASN A 307 9.64 -0.35 7.25
CA ASN A 307 9.11 -0.52 8.60
C ASN A 307 10.12 -0.18 9.69
N ASN A 308 11.18 0.51 9.30
CA ASN A 308 12.13 1.08 10.24
C ASN A 308 12.63 2.39 9.68
N GLU A 309 12.70 3.43 10.52
CA GLU A 309 13.13 4.75 10.08
C GLU A 309 14.52 4.74 9.46
N GLN A 310 15.39 3.87 9.96
CA GLN A 310 16.76 3.79 9.44
C GLN A 310 16.85 2.92 8.20
N GLY A 311 15.74 2.28 7.84
CA GLY A 311 15.71 1.38 6.70
C GLY A 311 16.33 1.91 5.42
N PRO A 312 15.74 2.97 4.85
CA PRO A 312 16.28 3.52 3.59
C PRO A 312 17.74 3.97 3.72
N LYS A 313 18.11 4.50 4.89
CA LYS A 313 19.49 4.90 5.15
C LYS A 313 20.44 3.73 5.00
N LEU A 314 20.12 2.59 5.62
CA LEU A 314 21.01 1.43 5.56
C LEU A 314 21.00 0.76 4.20
N LEU A 315 19.85 0.81 3.51
CA LEU A 315 19.79 0.34 2.14
C LEU A 315 20.79 1.11 1.26
N LYS A 316 20.80 2.44 1.40
CA LYS A 316 21.69 3.29 0.62
C LYS A 316 23.15 3.04 0.98
N GLU A 317 23.40 2.88 2.27
CA GLU A 317 24.74 2.57 2.75
C GLU A 317 25.27 1.27 2.13
N LEU A 318 24.42 0.24 2.09
CA LEU A 318 24.84 -1.03 1.49
C LEU A 318 25.10 -0.87 -0.01
N ALA A 319 24.18 -0.21 -0.71
CA ALA A 319 24.29 -0.08 -2.16
C ALA A 319 25.53 0.73 -2.53
N ASP A 320 25.83 1.77 -1.74
CA ASP A 320 27.02 2.58 -1.99
C ASP A 320 28.29 1.80 -1.71
N LYS A 321 28.36 1.16 -0.55
CA LYS A 321 29.58 0.49 -0.15
C LYS A 321 29.99 -0.63 -1.11
N ALA A 322 29.03 -1.47 -1.49
CA ALA A 322 29.35 -2.62 -2.34
C ALA A 322 29.04 -2.34 -3.81
N ASN A 323 28.62 -1.11 -4.09
CA ASN A 323 28.35 -0.65 -5.44
C ASN A 323 27.34 -1.56 -6.15
N ILE A 324 26.08 -1.48 -5.70
CA ILE A 324 25.02 -2.38 -6.16
C ILE A 324 23.82 -1.60 -6.69
N PRO A 325 23.34 -1.95 -7.89
CA PRO A 325 22.11 -1.37 -8.44
C PRO A 325 20.88 -1.81 -7.62
N VAL A 326 19.88 -0.94 -7.53
CA VAL A 326 18.72 -1.17 -6.67
C VAL A 326 17.42 -1.09 -7.44
N THR A 327 16.62 -2.16 -7.38
CA THR A 327 15.26 -2.15 -7.89
C THR A 327 14.29 -2.34 -6.71
N THR A 328 13.08 -1.80 -6.82
CA THR A 328 12.09 -1.99 -5.77
C THR A 328 10.77 -2.53 -6.32
N THR A 329 9.95 -3.04 -5.42
CA THR A 329 8.57 -3.40 -5.73
C THR A 329 7.72 -2.14 -5.77
N LEU A 330 6.47 -2.29 -6.21
CA LEU A 330 5.46 -1.25 -6.07
C LEU A 330 5.40 -0.73 -4.65
N GLN A 331 5.41 -1.63 -3.66
CA GLN A 331 5.25 -1.22 -2.27
C GLN A 331 6.54 -0.69 -1.67
N GLY A 332 7.65 -0.87 -2.38
CA GLY A 332 8.93 -0.37 -1.93
C GLY A 332 9.28 0.99 -2.51
N LEU A 333 8.47 1.48 -3.44
CA LEU A 333 8.72 2.78 -4.06
C LEU A 333 8.93 3.87 -3.00
N GLY A 334 10.02 4.62 -3.13
CA GLY A 334 10.37 5.65 -2.17
C GLY A 334 11.44 5.22 -1.19
N ALA A 335 11.71 3.92 -1.13
CA ALA A 335 12.76 3.40 -0.26
C ALA A 335 14.14 3.79 -0.78
N PHE A 336 14.24 3.98 -2.09
CA PHE A 336 15.51 4.36 -2.71
C PHE A 336 15.33 5.56 -3.62
N ASP A 337 16.27 6.50 -3.59
CA ASP A 337 16.17 7.71 -4.40
C ASP A 337 16.31 7.37 -5.87
N GLN A 338 15.22 7.49 -6.63
CA GLN A 338 15.22 7.07 -8.03
C GLN A 338 16.06 7.98 -8.92
N ARG A 339 16.52 9.11 -8.37
CA ARG A 339 17.40 10.01 -9.11
C ARG A 339 18.84 9.51 -9.11
N ASP A 340 19.18 8.68 -8.12
CA ASP A 340 20.49 8.04 -8.04
C ASP A 340 20.77 7.17 -9.29
N PRO A 341 22.02 7.21 -9.80
CA PRO A 341 22.37 6.42 -10.99
C PRO A 341 22.23 4.91 -10.77
N LYS A 342 22.34 4.46 -9.52
CA LYS A 342 22.18 3.05 -9.20
C LYS A 342 20.72 2.55 -9.26
N SER A 343 19.77 3.48 -9.39
CA SER A 343 18.35 3.11 -9.42
C SER A 343 17.92 2.41 -10.71
N LEU A 344 17.37 1.21 -10.57
CA LEU A 344 16.83 0.48 -11.71
C LEU A 344 15.31 0.63 -11.83
N ASP A 345 14.72 1.45 -10.96
CA ASP A 345 13.26 1.70 -10.94
C ASP A 345 12.50 0.45 -10.48
N MET A 346 11.21 0.36 -10.83
CA MET A 346 10.36 -0.75 -10.37
C MET A 346 10.52 -2.00 -11.24
N LEU A 347 10.52 -3.17 -10.61
CA LEU A 347 10.55 -4.42 -11.38
C LEU A 347 9.16 -5.04 -11.45
N GLY A 348 8.99 -6.02 -12.33
CA GLY A 348 7.76 -6.79 -12.34
C GLY A 348 6.96 -6.73 -13.61
N MET A 349 5.72 -7.21 -13.49
CA MET A 349 4.79 -7.31 -14.61
CA MET A 349 4.78 -7.31 -14.60
C MET A 349 4.70 -6.03 -15.43
N HIS A 350 4.66 -4.89 -14.75
CA HIS A 350 4.59 -3.60 -15.44
C HIS A 350 5.77 -2.72 -15.03
N GLY A 351 6.82 -3.34 -14.51
CA GLY A 351 8.01 -2.61 -14.14
C GLY A 351 8.94 -2.38 -15.32
N SER A 352 10.05 -1.69 -15.07
CA SER A 352 11.06 -1.43 -16.09
C SER A 352 11.67 -2.70 -16.69
N ALA A 353 11.73 -2.75 -18.03
CA ALA A 353 12.39 -3.87 -18.70
C ALA A 353 13.89 -3.90 -18.37
N ALA A 354 14.44 -2.78 -17.92
CA ALA A 354 15.84 -2.77 -17.48
C ALA A 354 15.99 -3.49 -16.15
N ALA A 355 15.10 -3.18 -15.21
CA ALA A 355 15.12 -3.84 -13.91
C ALA A 355 14.88 -5.34 -14.09
N ASN A 356 13.91 -5.69 -14.93
CA ASN A 356 13.58 -7.09 -15.18
C ASN A 356 14.74 -7.85 -15.82
N THR A 357 15.40 -7.23 -16.80
CA THR A 357 16.58 -7.83 -17.42
C THR A 357 17.69 -8.03 -16.39
N ALA A 358 17.93 -7.00 -15.57
CA ALA A 358 19.00 -7.05 -14.58
C ALA A 358 18.81 -8.17 -13.56
N ILE A 359 17.59 -8.34 -13.06
CA ILE A 359 17.39 -9.38 -12.06
CA ILE A 359 17.26 -9.39 -12.10
C ILE A 359 17.51 -10.78 -12.70
N GLN A 360 17.12 -10.91 -13.96
CA GLN A 360 17.25 -12.20 -14.65
C GLN A 360 18.71 -12.55 -14.97
N ASN A 361 19.61 -11.56 -14.84
CA ASN A 361 21.02 -11.79 -15.18
C ASN A 361 21.96 -11.66 -13.99
N ALA A 362 21.42 -11.31 -12.83
CA ALA A 362 22.23 -11.13 -11.63
C ALA A 362 22.72 -12.46 -11.08
N ASP A 363 23.92 -12.47 -10.49
CA ASP A 363 24.42 -13.71 -9.89
C ASP A 363 24.15 -13.71 -8.39
N CYS A 364 23.84 -12.54 -7.84
CA CYS A 364 23.48 -12.47 -6.44
C CYS A 364 22.32 -11.49 -6.24
N ILE A 365 21.23 -11.98 -5.66
CA ILE A 365 20.06 -11.16 -5.40
C ILE A 365 19.90 -10.95 -3.90
N ILE A 366 19.96 -9.69 -3.48
CA ILE A 366 19.76 -9.35 -2.09
C ILE A 366 18.32 -8.85 -1.88
N ALA A 367 17.47 -9.73 -1.35
CA ALA A 367 16.06 -9.42 -1.18
C ALA A 367 15.81 -8.81 0.19
N LEU A 368 15.42 -7.53 0.20
CA LEU A 368 15.27 -6.79 1.45
C LEU A 368 13.81 -6.43 1.72
N GLY A 369 13.16 -7.19 2.61
CA GLY A 369 11.77 -6.95 2.96
C GLY A 369 10.82 -6.98 1.78
N ALA A 370 10.91 -8.04 0.98
CA ALA A 370 10.04 -8.25 -0.17
C ALA A 370 9.69 -9.73 -0.26
N ARG A 371 8.50 -10.06 -0.76
CA ARG A 371 7.99 -11.43 -0.61
C ARG A 371 7.85 -12.24 -1.90
N PHE A 372 8.49 -11.80 -2.99
CA PHE A 372 8.46 -12.55 -4.25
C PHE A 372 7.02 -12.84 -4.70
N ASP A 373 6.19 -11.82 -4.65
CA ASP A 373 4.81 -11.86 -5.11
CA ASP A 373 4.80 -11.98 -5.07
C ASP A 373 4.74 -12.27 -6.56
N ASP A 374 3.60 -12.81 -7.02
CA ASP A 374 3.53 -13.27 -8.40
C ASP A 374 3.37 -12.15 -9.42
N ARG A 375 3.17 -10.91 -8.98
CA ARG A 375 3.22 -9.79 -9.92
C ARG A 375 4.68 -9.45 -10.25
N VAL A 376 5.59 -9.88 -9.39
CA VAL A 376 7.00 -9.52 -9.52
C VAL A 376 7.85 -10.58 -10.22
N THR A 377 7.64 -11.86 -9.89
CA THR A 377 8.54 -12.92 -10.32
C THR A 377 8.40 -13.34 -11.78
N GLY A 378 7.26 -13.05 -12.39
CA GLY A 378 6.94 -13.62 -13.69
C GLY A 378 6.81 -15.12 -13.50
N ASN A 379 6.97 -15.89 -14.58
CA ASN A 379 6.99 -17.35 -14.50
C ASN A 379 8.04 -17.82 -13.48
N ILE A 380 7.59 -18.43 -12.40
CA ILE A 380 8.47 -18.75 -11.28
C ILE A 380 9.60 -19.72 -11.64
N SER A 381 9.32 -20.72 -12.46
CA SER A 381 10.35 -21.69 -12.80
C SER A 381 11.46 -21.05 -13.65
N LYS A 382 11.14 -19.94 -14.31
CA LYS A 382 12.09 -19.25 -15.17
C LYS A 382 12.67 -17.99 -14.52
N PHE A 383 12.43 -17.84 -13.23
CA PHE A 383 12.85 -16.63 -12.51
C PHE A 383 14.30 -16.74 -12.02
N ALA A 384 15.04 -15.65 -12.16
CA ALA A 384 16.42 -15.54 -11.65
C ALA A 384 17.36 -16.71 -12.03
N PRO A 385 17.45 -17.04 -13.33
CA PRO A 385 18.27 -18.17 -13.79
C PRO A 385 19.74 -18.07 -13.37
N GLU A 386 20.30 -16.86 -13.46
CA GLU A 386 21.72 -16.66 -13.20
C GLU A 386 22.05 -16.79 -11.73
N ALA A 387 21.11 -16.41 -10.87
CA ALA A 387 21.33 -16.47 -9.43
C ALA A 387 21.22 -17.92 -8.94
N LYS A 388 20.35 -18.70 -9.56
CA LYS A 388 20.23 -20.12 -9.26
C LYS A 388 21.49 -20.87 -9.71
N LEU A 389 22.02 -20.50 -10.87
CA LEU A 389 23.25 -21.13 -11.35
C LEU A 389 24.40 -20.81 -10.41
N ALA A 390 24.53 -19.55 -10.05
CA ALA A 390 25.57 -19.11 -9.12
C ALA A 390 25.48 -19.86 -7.79
N ALA A 391 24.26 -20.03 -7.27
CA ALA A 391 24.06 -20.77 -6.02
C ALA A 391 24.59 -22.18 -6.12
N SER A 392 24.26 -22.87 -7.21
CA SER A 392 24.73 -24.24 -7.43
C SER A 392 26.25 -24.33 -7.56
N GLU A 393 26.87 -23.26 -8.04
CA GLU A 393 28.31 -23.25 -8.24
C GLU A 393 29.04 -22.57 -7.08
N GLY A 394 28.30 -22.28 -6.02
CA GLY A 394 28.89 -21.73 -4.82
C GLY A 394 29.49 -20.33 -4.95
N ARG A 395 28.96 -19.54 -5.86
CA ARG A 395 29.48 -18.18 -6.08
C ARG A 395 28.39 -17.10 -6.06
N GLY A 396 27.20 -17.43 -5.56
CA GLY A 396 26.13 -16.45 -5.50
C GLY A 396 24.82 -17.02 -4.98
N GLY A 397 23.71 -16.45 -5.44
CA GLY A 397 22.39 -16.93 -5.05
C GLY A 397 21.46 -15.85 -4.53
N ILE A 398 20.51 -16.27 -3.71
CA ILE A 398 19.50 -15.35 -3.17
C ILE A 398 19.66 -15.21 -1.67
N LEU A 399 19.86 -13.97 -1.23
CA LEU A 399 19.99 -13.68 0.19
C LEU A 399 18.73 -12.98 0.65
N HIS A 400 17.92 -13.68 1.45
CA HIS A 400 16.58 -13.20 1.80
C HIS A 400 16.52 -12.69 3.24
N PHE A 401 16.39 -11.38 3.38
CA PHE A 401 16.21 -10.74 4.69
C PHE A 401 14.70 -10.59 4.97
N GLU A 402 14.15 -11.43 5.84
CA GLU A 402 12.69 -11.52 6.00
C GLU A 402 12.29 -11.72 7.46
N ILE A 403 11.24 -11.04 7.90
CA ILE A 403 10.87 -11.07 9.31
C ILE A 403 9.90 -12.20 9.62
N SER A 404 9.17 -12.65 8.61
CA SER A 404 8.14 -13.68 8.78
C SER A 404 8.58 -15.02 8.17
N PRO A 405 8.79 -16.04 9.02
CA PRO A 405 9.23 -17.37 8.58
C PRO A 405 8.32 -17.97 7.51
N LYS A 406 7.03 -17.68 7.59
CA LYS A 406 6.06 -18.11 6.59
C LYS A 406 6.47 -17.70 5.17
N ASN A 407 7.12 -16.54 5.03
CA ASN A 407 7.47 -16.05 3.70
C ASN A 407 8.90 -16.38 3.28
N ILE A 408 9.63 -17.07 4.13
CA ILE A 408 10.94 -17.60 3.75
C ILE A 408 10.80 -18.97 3.09
N ASN A 409 11.35 -19.09 1.88
CA ASN A 409 11.28 -20.32 1.09
C ASN A 409 9.85 -20.69 0.72
N LYS A 410 8.97 -19.69 0.59
CA LYS A 410 7.59 -19.92 0.20
C LYS A 410 7.46 -20.01 -1.31
N VAL A 411 8.16 -19.13 -2.00
CA VAL A 411 8.04 -19.02 -3.45
C VAL A 411 9.33 -19.47 -4.13
N VAL A 412 10.46 -18.94 -3.67
CA VAL A 412 11.77 -19.32 -4.19
C VAL A 412 12.69 -19.69 -3.05
N GLU A 413 13.59 -20.62 -3.32
CA GLU A 413 14.53 -21.06 -2.30
C GLU A 413 15.59 -19.99 -2.03
N ALA A 414 15.74 -19.62 -0.77
CA ALA A 414 16.79 -18.69 -0.36
C ALA A 414 18.12 -19.43 -0.18
N THR A 415 19.19 -18.89 -0.75
CA THR A 415 20.51 -19.46 -0.54
C THR A 415 20.91 -19.27 0.91
N GLU A 416 20.67 -18.07 1.42
CA GLU A 416 20.77 -17.79 2.84
C GLU A 416 19.52 -17.05 3.29
N ALA A 417 18.93 -17.51 4.38
CA ALA A 417 17.76 -16.86 4.95
C ALA A 417 18.17 -16.11 6.20
N ILE A 418 17.92 -14.81 6.23
CA ILE A 418 18.26 -14.01 7.41
C ILE A 418 16.99 -13.51 8.06
N GLU A 419 16.65 -14.13 9.19
CA GLU A 419 15.36 -13.93 9.82
C GLU A 419 15.40 -12.77 10.80
N GLY A 420 14.35 -11.96 10.78
CA GLY A 420 14.23 -10.84 11.70
C GLY A 420 14.02 -9.53 10.96
N ASP A 421 14.06 -8.42 11.70
CA ASP A 421 13.93 -7.10 11.08
C ASP A 421 15.10 -6.83 10.14
N VAL A 422 14.79 -6.52 8.88
CA VAL A 422 15.81 -6.33 7.84
C VAL A 422 16.77 -5.19 8.19
N THR A 423 16.25 -4.12 8.76
CA THR A 423 17.10 -2.97 9.10
C THR A 423 18.13 -3.34 10.17
N ALA A 424 17.67 -3.95 11.26
CA ALA A 424 18.55 -4.41 12.32
C ALA A 424 19.61 -5.38 11.79
N ASN A 425 19.20 -6.29 10.92
CA ASN A 425 20.13 -7.28 10.41
C ASN A 425 21.11 -6.66 9.40
N LEU A 426 20.71 -5.57 8.77
CA LEU A 426 21.62 -4.85 7.87
C LEU A 426 22.76 -4.20 8.66
N GLN A 427 22.49 -3.77 9.89
CA GLN A 427 23.55 -3.21 10.74
C GLN A 427 24.66 -4.21 11.00
N SER A 428 24.30 -5.49 11.06
CA SER A 428 25.30 -6.53 11.30
C SER A 428 25.93 -6.96 9.99
N PHE A 429 25.17 -6.86 8.91
CA PHE A 429 25.58 -7.35 7.60
C PHE A 429 26.64 -6.45 6.95
N ILE A 430 26.36 -5.16 6.90
CA ILE A 430 27.17 -4.23 6.10
C ILE A 430 28.66 -4.19 6.50
N PRO A 431 28.98 -4.13 7.81
CA PRO A 431 30.42 -4.16 8.14
C PRO A 431 31.17 -5.42 7.72
N LEU A 432 30.47 -6.50 7.39
CA LEU A 432 31.13 -7.72 6.92
C LEU A 432 31.27 -7.73 5.41
N VAL A 433 30.69 -6.72 4.77
CA VAL A 433 30.64 -6.64 3.31
C VAL A 433 31.83 -5.82 2.78
N ASP A 434 32.56 -6.37 1.82
CA ASP A 434 33.73 -5.68 1.24
C ASP A 434 33.34 -4.47 0.42
N SER A 435 33.99 -3.34 0.68
CA SER A 435 33.78 -2.13 -0.10
CA SER A 435 33.78 -2.14 -0.11
C SER A 435 34.26 -2.34 -1.54
N ILE A 436 33.48 -1.85 -2.50
CA ILE A 436 33.81 -2.00 -3.91
C ILE A 436 33.76 -0.63 -4.58
N GLU A 437 34.79 -0.32 -5.37
CA GLU A 437 34.88 0.99 -6.00
C GLU A 437 34.22 0.98 -7.39
N ASN A 438 34.46 -0.06 -8.16
CA ASN A 438 33.92 -0.13 -9.52
C ASN A 438 33.52 -1.53 -9.97
N ARG A 439 32.50 -1.59 -10.82
CA ARG A 439 32.08 -2.82 -11.49
C ARG A 439 31.84 -2.50 -12.96
N PRO A 440 32.94 -2.29 -13.71
CA PRO A 440 32.88 -1.80 -15.09
C PRO A 440 31.97 -2.59 -16.03
N GLU A 441 32.14 -3.91 -16.10
CA GLU A 441 31.35 -4.71 -17.03
C GLU A 441 29.87 -4.78 -16.63
N TRP A 442 29.60 -4.88 -15.33
CA TRP A 442 28.22 -5.01 -14.85
C TRP A 442 27.46 -3.71 -15.09
N PHE A 443 28.02 -2.61 -14.61
CA PHE A 443 27.35 -1.33 -14.76
C PHE A 443 27.31 -0.84 -16.21
N ASN A 444 28.18 -1.39 -17.05
CA ASN A 444 28.08 -1.09 -18.47
C ASN A 444 26.83 -1.72 -19.06
N LYS A 445 26.53 -2.95 -18.65
CA LYS A 445 25.31 -3.62 -19.07
C LYS A 445 24.08 -2.87 -18.54
N ILE A 446 24.13 -2.53 -17.26
CA ILE A 446 23.01 -1.87 -16.61
C ILE A 446 22.69 -0.54 -17.27
N ASN A 447 23.72 0.26 -17.53
CA ASN A 447 23.52 1.56 -18.15
C ASN A 447 22.98 1.39 -19.57
N GLU A 448 23.45 0.37 -20.29
CA GLU A 448 22.95 0.09 -21.63
C GLU A 448 21.48 -0.30 -21.56
N TRP A 449 21.12 -1.11 -20.57
CA TRP A 449 19.74 -1.56 -20.42
C TRP A 449 18.81 -0.40 -20.08
N LYS A 450 19.24 0.48 -19.18
CA LYS A 450 18.42 1.64 -18.84
C LYS A 450 18.20 2.53 -20.05
N LYS A 451 19.21 2.65 -20.91
CA LYS A 451 19.12 3.50 -22.08
C LYS A 451 18.13 2.94 -23.11
N LYS A 452 18.16 1.62 -23.34
CA LYS A 452 17.26 1.06 -24.35
C LYS A 452 15.85 0.76 -23.83
N TYR A 453 15.66 0.81 -22.51
CA TYR A 453 14.35 0.46 -21.93
C TYR A 453 13.71 1.58 -21.10
N PRO A 454 13.47 2.76 -21.71
CA PRO A 454 12.74 3.76 -20.93
C PRO A 454 11.24 3.44 -20.95
N TYR A 455 10.47 4.14 -20.14
CA TYR A 455 9.02 4.00 -20.17
C TYR A 455 8.42 4.73 -21.37
N SER A 456 8.62 4.20 -22.57
CA SER A 456 8.14 4.86 -23.78
CA SER A 456 8.15 4.85 -23.78
C SER A 456 6.66 4.64 -24.02
N TYR A 457 6.03 5.59 -24.71
CA TYR A 457 4.63 5.54 -25.05
C TYR A 457 4.35 6.47 -26.23
N GLN A 458 3.16 6.37 -26.81
CA GLN A 458 2.77 7.26 -27.90
C GLN A 458 2.43 8.65 -27.39
N LEU A 459 3.21 9.64 -27.81
CA LEU A 459 2.99 11.01 -27.38
C LEU A 459 1.73 11.60 -28.00
N GLU A 460 1.20 12.66 -27.37
CA GLU A 460 0.15 13.48 -27.95
C GLU A 460 0.42 13.83 -29.41
N THR A 461 -0.63 14.00 -30.18
CA THR A 461 -0.52 14.49 -31.55
C THR A 461 -1.48 15.66 -31.64
N PRO A 462 -1.38 16.49 -32.68
CA PRO A 462 -2.30 17.63 -32.75
C PRO A 462 -3.76 17.21 -32.71
N GLY A 463 -4.51 17.78 -31.77
CA GLY A 463 -5.92 17.49 -31.65
C GLY A 463 -6.27 16.27 -30.81
N SER A 464 -5.28 15.44 -30.47
CA SER A 464 -5.54 14.24 -29.69
C SER A 464 -5.87 14.60 -28.24
N LEU A 465 -6.42 13.63 -27.51
CA LEU A 465 -6.64 13.80 -26.09
C LEU A 465 -5.31 13.75 -25.36
N ILE A 466 -5.31 14.21 -24.11
CA ILE A 466 -4.15 14.09 -23.26
C ILE A 466 -3.84 12.62 -23.02
N LYS A 467 -2.57 12.24 -23.13
CA LYS A 467 -2.16 10.88 -22.82
C LYS A 467 -2.02 10.74 -21.31
N PRO A 468 -2.52 9.63 -20.75
CA PRO A 468 -2.44 9.48 -19.29
C PRO A 468 -1.00 9.53 -18.76
N GLN A 469 -0.03 8.99 -19.52
CA GLN A 469 1.36 8.98 -19.08
C GLN A 469 1.87 10.41 -18.93
N THR A 470 1.47 11.27 -19.87
CA THR A 470 1.89 12.67 -19.86
C THR A 470 1.31 13.40 -18.66
N LEU A 471 0.04 13.16 -18.38
CA LEU A 471 -0.60 13.76 -17.20
C LEU A 471 0.18 13.44 -15.93
N ILE A 472 0.57 12.19 -15.75
CA ILE A 472 1.31 11.80 -14.54
C ILE A 472 2.63 12.55 -14.43
N LYS A 473 3.36 12.63 -15.53
CA LYS A 473 4.64 13.36 -15.55
C LYS A 473 4.44 14.83 -15.15
N GLU A 474 3.38 15.43 -15.66
CA GLU A 474 3.07 16.83 -15.36
C GLU A 474 2.84 17.03 -13.86
N ILE A 475 2.01 16.16 -13.27
CA ILE A 475 1.74 16.24 -11.84
C ILE A 475 3.02 16.02 -11.04
N SER A 476 3.81 15.03 -11.43
CA SER A 476 5.07 14.75 -10.73
C SER A 476 6.04 15.94 -10.76
N ASP A 477 6.22 16.52 -11.95
CA ASP A 477 7.13 17.65 -12.10
C ASP A 477 6.67 18.86 -11.28
N GLN A 478 5.39 19.21 -11.37
CA GLN A 478 4.90 20.40 -10.68
C GLN A 478 4.83 20.22 -9.17
N ALA A 479 4.50 19.01 -8.71
CA ALA A 479 4.35 18.78 -7.27
C ALA A 479 5.69 18.92 -6.55
N GLN A 480 6.77 18.58 -7.25
CA GLN A 480 8.10 18.55 -6.63
C GLN A 480 8.60 19.96 -6.32
N THR A 481 7.91 20.97 -6.85
CA THR A 481 8.36 22.34 -6.72
C THR A 481 7.75 23.07 -5.53
N TYR A 482 7.00 22.36 -4.69
CA TYR A 482 6.48 22.95 -3.46
C TYR A 482 7.40 22.60 -2.30
N ASN A 483 7.44 23.44 -1.28
CA ASN A 483 8.30 23.14 -0.14
C ASN A 483 7.58 22.29 0.89
N LYS A 484 6.90 21.25 0.41
CA LYS A 484 6.13 20.37 1.28
C LYS A 484 6.36 18.91 0.89
N GLU A 485 6.20 18.00 1.84
CA GLU A 485 6.22 16.58 1.53
C GLU A 485 5.05 16.24 0.61
N VAL A 486 5.28 15.31 -0.32
CA VAL A 486 4.22 14.91 -1.24
C VAL A 486 3.91 13.42 -1.08
N ILE A 487 2.66 13.13 -0.74
CA ILE A 487 2.20 11.75 -0.56
C ILE A 487 1.18 11.42 -1.64
N VAL A 488 1.35 10.25 -2.25
CA VAL A 488 0.47 9.81 -3.33
C VAL A 488 -0.29 8.54 -2.93
N THR A 489 -1.62 8.59 -3.09
CA THR A 489 -2.44 7.38 -3.01
C THR A 489 -3.01 7.11 -4.40
N THR A 490 -3.47 5.88 -4.63
CA THR A 490 -4.07 5.54 -5.93
C THR A 490 -5.30 4.65 -5.77
N GLY A 491 -6.09 4.57 -6.83
CA GLY A 491 -7.06 3.50 -6.99
C GLY A 491 -6.35 2.30 -7.58
N VAL A 492 -7.09 1.43 -8.25
CA VAL A 492 -6.50 0.23 -8.83
C VAL A 492 -6.82 0.16 -10.30
N GLY A 493 -5.80 -0.04 -11.12
CA GLY A 493 -5.97 -0.12 -12.57
C GLY A 493 -4.79 0.47 -13.33
N GLN A 494 -5.04 0.91 -14.56
CA GLN A 494 -3.97 1.45 -15.38
C GLN A 494 -3.35 2.72 -14.78
N HIS A 495 -4.21 3.62 -14.30
CA HIS A 495 -3.74 4.86 -13.67
C HIS A 495 -2.74 4.58 -12.55
N GLN A 496 -2.99 3.50 -11.80
CA GLN A 496 -2.12 3.10 -10.70
C GLN A 496 -0.71 2.72 -11.18
N MET A 497 -0.65 1.97 -12.27
CA MET A 497 0.62 1.54 -12.86
C MET A 497 1.37 2.72 -13.47
N TRP A 498 0.65 3.59 -14.15
CA TRP A 498 1.25 4.78 -14.73
C TRP A 498 1.76 5.71 -13.63
N ALA A 499 1.03 5.79 -12.53
CA ALA A 499 1.48 6.57 -11.38
C ALA A 499 2.80 6.01 -10.85
N ALA A 500 2.87 4.68 -10.76
CA ALA A 500 4.06 4.01 -10.26
C ALA A 500 5.26 4.27 -11.19
N GLN A 501 5.02 4.17 -12.49
CA GLN A 501 6.07 4.32 -13.48
C GLN A 501 6.59 5.75 -13.59
N HIS A 502 5.68 6.71 -13.65
CA HIS A 502 6.04 8.03 -14.14
C HIS A 502 6.24 9.11 -13.09
N PHE A 503 5.87 8.83 -11.84
CA PHE A 503 6.33 9.66 -10.74
C PHE A 503 7.79 9.36 -10.50
N THR A 504 8.52 10.32 -9.94
CA THR A 504 9.87 10.08 -9.50
C THR A 504 9.86 9.95 -7.98
N TRP A 505 10.15 8.76 -7.49
CA TRP A 505 10.02 8.45 -6.06
C TRP A 505 11.34 8.66 -5.35
N THR A 506 11.29 9.38 -4.22
CA THR A 506 12.52 9.78 -3.52
C THR A 506 12.44 9.64 -2.00
N GLN A 507 11.22 9.63 -1.46
CA GLN A 507 11.02 9.61 0.00
C GLN A 507 10.21 8.40 0.45
N PRO A 508 10.53 7.85 1.64
CA PRO A 508 9.80 6.71 2.18
C PRO A 508 8.37 7.06 2.61
N ARG A 509 7.47 6.10 2.44
CA ARG A 509 6.06 6.25 2.82
C ARG A 509 5.37 7.38 2.05
N THR A 510 5.61 7.43 0.74
CA THR A 510 4.94 8.41 -0.12
C THR A 510 4.12 7.75 -1.22
N MET A 511 4.25 6.43 -1.33
CA MET A 511 3.38 5.62 -2.20
C MET A 511 2.44 4.81 -1.33
N ILE A 512 1.15 5.13 -1.40
CA ILE A 512 0.16 4.46 -0.55
C ILE A 512 -0.91 3.88 -1.46
N THR A 513 -0.76 2.60 -1.75
CA THR A 513 -1.51 1.98 -2.83
C THR A 513 -1.87 0.55 -2.47
N SER A 514 -3.00 0.07 -2.95
CA SER A 514 -3.44 -1.29 -2.63
C SER A 514 -2.82 -2.26 -3.63
N GLY A 515 -1.87 -3.05 -3.15
CA GLY A 515 -1.08 -3.89 -4.04
C GLY A 515 -1.43 -5.37 -4.00
N GLY A 516 -1.55 -5.93 -2.80
CA GLY A 516 -1.79 -7.36 -2.67
C GLY A 516 -3.20 -7.78 -3.02
N LEU A 517 -4.18 -7.14 -2.39
CA LEU A 517 -5.59 -7.41 -2.68
C LEU A 517 -6.03 -6.62 -3.92
N GLY A 518 -5.55 -5.39 -4.06
CA GLY A 518 -5.88 -4.56 -5.21
C GLY A 518 -7.30 -4.05 -5.19
N THR A 519 -7.65 -3.33 -4.12
CA THR A 519 -9.01 -2.87 -3.90
C THR A 519 -9.35 -1.54 -4.58
N MET A 520 -10.14 -1.59 -5.66
CA MET A 520 -10.71 -0.37 -6.23
C MET A 520 -11.46 0.41 -5.15
N GLY A 521 -11.36 1.74 -5.15
CA GLY A 521 -12.05 2.56 -4.17
C GLY A 521 -11.16 2.96 -3.01
N TYR A 522 -9.97 2.38 -2.97
CA TYR A 522 -9.00 2.61 -1.90
C TYR A 522 -8.50 4.05 -1.89
N GLY A 523 -8.35 4.63 -3.08
CA GLY A 523 -7.65 5.89 -3.26
C GLY A 523 -8.10 7.06 -2.43
N LEU A 524 -9.40 7.36 -2.45
CA LEU A 524 -9.92 8.52 -1.77
C LEU A 524 -9.87 8.38 -0.23
N PRO A 525 -10.43 7.29 0.33
CA PRO A 525 -10.32 7.23 1.79
C PRO A 525 -8.87 7.08 2.28
N ALA A 526 -8.01 6.39 1.54
CA ALA A 526 -6.60 6.32 1.95
C ALA A 526 -5.98 7.71 2.02
N ALA A 527 -6.28 8.54 1.02
CA ALA A 527 -5.77 9.92 1.00
C ALA A 527 -6.23 10.70 2.22
N ILE A 528 -7.49 10.53 2.60
CA ILE A 528 -8.01 11.22 3.77
C ILE A 528 -7.24 10.78 5.03
N GLY A 529 -7.05 9.48 5.19
CA GLY A 529 -6.31 8.97 6.33
C GLY A 529 -4.86 9.47 6.34
N ALA A 530 -4.21 9.44 5.18
CA ALA A 530 -2.84 9.92 5.06
C ALA A 530 -2.76 11.42 5.39
N GLN A 531 -3.76 12.19 4.96
CA GLN A 531 -3.78 13.62 5.18
C GLN A 531 -3.95 13.96 6.67
N VAL A 532 -4.72 13.14 7.37
CA VAL A 532 -4.92 13.33 8.81
C VAL A 532 -3.62 13.00 9.55
N ALA A 533 -2.89 12.00 9.06
CA ALA A 533 -1.61 11.64 9.67
C ALA A 533 -0.56 12.72 9.42
N LYS A 534 -0.60 13.32 8.23
CA LYS A 534 0.38 14.31 7.83
C LYS A 534 -0.29 15.61 7.38
N PRO A 535 -0.75 16.42 8.33
CA PRO A 535 -1.55 17.61 8.03
C PRO A 535 -0.82 18.66 7.17
N ASP A 536 0.51 18.62 7.16
CA ASP A 536 1.29 19.59 6.39
C ASP A 536 1.75 19.06 5.05
N ALA A 537 1.39 17.82 4.72
CA ALA A 537 1.79 17.26 3.43
C ALA A 537 0.78 17.58 2.34
N ILE A 538 1.27 17.60 1.11
CA ILE A 538 0.41 17.57 -0.06
C ILE A 538 0.04 16.11 -0.30
N VAL A 539 -1.25 15.80 -0.28
CA VAL A 539 -1.70 14.43 -0.50
C VAL A 539 -2.50 14.34 -1.79
N ILE A 540 -1.99 13.56 -2.74
CA ILE A 540 -2.61 13.44 -4.05
C ILE A 540 -3.16 12.04 -4.27
N ASP A 541 -4.46 11.95 -4.55
CA ASP A 541 -5.07 10.68 -4.94
C ASP A 541 -5.15 10.60 -6.46
N ILE A 542 -4.26 9.81 -7.05
CA ILE A 542 -4.33 9.52 -8.48
C ILE A 542 -5.33 8.37 -8.67
N ASP A 543 -6.50 8.65 -9.24
CA ASP A 543 -7.59 7.69 -9.23
C ASP A 543 -8.13 7.38 -10.61
N GLY A 544 -8.73 6.21 -10.77
CA GLY A 544 -9.42 5.88 -12.01
C GLY A 544 -10.87 6.29 -11.87
N ASP A 545 -11.56 6.46 -13.00
CA ASP A 545 -12.97 6.83 -12.92
C ASP A 545 -13.81 5.70 -12.32
N ALA A 546 -13.55 4.45 -12.70
CA ALA A 546 -14.30 3.34 -12.12
C ALA A 546 -13.98 3.17 -10.63
N SER A 547 -12.70 3.26 -10.28
CA SER A 547 -12.29 3.18 -8.88
C SER A 547 -12.91 4.26 -8.03
N PHE A 548 -12.89 5.49 -8.56
CA PHE A 548 -13.41 6.62 -7.81
C PHE A 548 -14.92 6.45 -7.55
N ASN A 549 -15.63 5.90 -8.52
CA ASN A 549 -17.06 5.63 -8.35
C ASN A 549 -17.38 4.73 -7.16
N MET A 550 -16.47 3.82 -6.82
CA MET A 550 -16.71 2.87 -5.75
CA MET A 550 -16.69 2.86 -5.75
C MET A 550 -16.99 3.55 -4.41
N THR A 551 -16.22 4.58 -4.09
CA THR A 551 -16.28 5.19 -2.77
C THR A 551 -16.40 6.71 -2.76
N LEU A 552 -16.93 7.30 -3.83
CA LEU A 552 -16.91 8.76 -3.96
C LEU A 552 -17.75 9.50 -2.90
N THR A 553 -18.58 8.78 -2.17
CA THR A 553 -19.36 9.44 -1.11
C THR A 553 -18.45 9.99 -0.02
N GLU A 554 -17.21 9.49 0.08
CA GLU A 554 -16.32 9.95 1.14
C GLU A 554 -15.76 11.35 0.90
N LEU A 555 -16.10 11.96 -0.23
CA LEU A 555 -15.75 13.37 -0.43
C LEU A 555 -16.29 14.24 0.71
N SER A 556 -17.53 13.99 1.13
CA SER A 556 -18.12 14.71 2.25
CA SER A 556 -18.08 14.77 2.22
C SER A 556 -17.28 14.53 3.51
N SER A 557 -16.71 13.34 3.66
CA SER A 557 -15.89 13.05 4.84
C SER A 557 -14.63 13.91 4.88
N ALA A 558 -14.02 14.13 3.71
CA ALA A 558 -12.81 14.92 3.64
C ALA A 558 -13.09 16.35 4.13
N VAL A 559 -14.24 16.87 3.71
CA VAL A 559 -14.62 18.22 4.10
C VAL A 559 -14.88 18.30 5.60
N GLN A 560 -15.68 17.36 6.11
CA GLN A 560 -16.00 17.36 7.53
C GLN A 560 -14.75 17.14 8.40
N ALA A 561 -13.77 16.42 7.87
CA ALA A 561 -12.53 16.16 8.62
C ALA A 561 -11.51 17.30 8.50
N GLY A 562 -11.75 18.23 7.59
CA GLY A 562 -10.77 19.29 7.34
C GLY A 562 -9.51 18.77 6.69
N ALA A 563 -9.66 17.79 5.81
CA ALA A 563 -8.53 17.19 5.11
C ALA A 563 -8.47 17.67 3.66
N PRO A 564 -7.53 18.58 3.35
CA PRO A 564 -7.46 19.21 2.02
C PRO A 564 -6.81 18.34 0.94
N ILE A 565 -7.34 17.14 0.78
CA ILE A 565 -6.78 16.19 -0.19
C ILE A 565 -6.96 16.68 -1.62
N LYS A 566 -6.14 16.14 -2.52
CA LYS A 566 -6.20 16.50 -3.92
C LYS A 566 -6.48 15.25 -4.75
N VAL A 567 -7.70 15.17 -5.30
CA VAL A 567 -8.10 14.00 -6.09
C VAL A 567 -8.00 14.29 -7.57
N CYS A 568 -7.23 13.48 -8.28
CA CYS A 568 -7.16 13.56 -9.73
C CYS A 568 -7.77 12.32 -10.35
N VAL A 569 -8.91 12.48 -11.02
CA VAL A 569 -9.55 11.37 -11.69
C VAL A 569 -9.12 11.28 -13.14
N LEU A 570 -8.41 10.22 -13.50
CA LEU A 570 -8.10 9.99 -14.90
C LEU A 570 -9.32 9.38 -15.55
N ASN A 571 -10.09 10.23 -16.22
CA ASN A 571 -11.34 9.79 -16.83
C ASN A 571 -11.15 9.28 -18.25
N ASN A 572 -10.98 7.97 -18.40
CA ASN A 572 -10.94 7.34 -19.71
C ASN A 572 -12.26 6.64 -20.01
N GLU A 573 -13.25 6.89 -19.15
CA GLU A 573 -14.59 6.35 -19.31
C GLU A 573 -14.62 4.84 -19.52
N GLU A 574 -13.71 4.14 -18.87
CA GLU A 574 -13.60 2.70 -18.99
C GLU A 574 -12.90 2.10 -17.77
N GLN A 575 -13.12 0.81 -17.56
CA GLN A 575 -12.31 0.04 -16.63
C GLN A 575 -11.07 -0.39 -17.42
N GLY A 576 -10.09 0.51 -17.49
CA GLY A 576 -9.01 0.41 -18.46
C GLY A 576 -8.16 -0.84 -18.36
N MET A 577 -7.85 -1.24 -17.14
CA MET A 577 -6.99 -2.42 -16.95
CA MET A 577 -7.01 -2.42 -16.94
C MET A 577 -7.67 -3.68 -17.48
N VAL A 578 -8.98 -3.77 -17.29
CA VAL A 578 -9.70 -4.94 -17.76
C VAL A 578 -9.92 -4.88 -19.27
N THR A 579 -10.16 -3.69 -19.82
CA THR A 579 -10.30 -3.58 -21.28
C THR A 579 -8.97 -3.85 -21.96
N GLN A 580 -7.85 -3.57 -21.28
CA GLN A 580 -6.54 -3.90 -21.83
C GLN A 580 -6.42 -5.42 -22.01
N TRP A 581 -6.87 -6.18 -21.00
CA TRP A 581 -6.83 -7.64 -21.10
C TRP A 581 -7.84 -8.16 -22.12
N GLN A 582 -9.01 -7.53 -22.21
CA GLN A 582 -10.00 -7.94 -23.17
C GLN A 582 -9.50 -7.67 -24.60
N SER A 583 -8.78 -6.55 -24.77
CA SER A 583 -8.19 -6.21 -26.07
C SER A 583 -7.18 -7.27 -26.49
N LEU A 584 -6.36 -7.67 -25.52
CA LEU A 584 -5.23 -8.53 -25.80
C LEU A 584 -5.60 -10.03 -25.88
N PHE A 585 -6.50 -10.47 -25.02
CA PHE A 585 -6.77 -11.90 -24.91
C PHE A 585 -8.16 -12.32 -25.36
N TYR A 586 -9.08 -11.37 -25.49
CA TYR A 586 -10.45 -11.73 -25.84
C TYR A 586 -10.95 -10.97 -27.07
N GLU A 587 -10.02 -10.67 -27.96
CA GLU A 587 -10.34 -10.14 -29.29
C GLU A 587 -11.26 -8.93 -29.26
N HIS A 588 -10.98 -8.01 -28.34
CA HIS A 588 -11.70 -6.75 -28.23
C HIS A 588 -13.18 -6.93 -27.93
N ARG A 589 -13.50 -7.98 -27.17
CA ARG A 589 -14.86 -8.18 -26.68
CA ARG A 589 -14.85 -8.19 -26.67
C ARG A 589 -14.97 -7.55 -25.30
N TYR A 590 -15.45 -6.32 -25.24
CA TYR A 590 -15.53 -5.61 -23.97
C TYR A 590 -16.81 -5.95 -23.24
N SER A 591 -16.74 -6.97 -22.40
CA SER A 591 -17.91 -7.46 -21.69
C SER A 591 -18.10 -6.71 -20.38
N HIS A 592 -19.08 -5.80 -20.36
CA HIS A 592 -19.49 -5.06 -19.17
C HIS A 592 -18.34 -4.32 -18.46
N THR A 593 -17.49 -3.67 -19.24
CA THR A 593 -16.36 -2.95 -18.65
C THR A 593 -16.41 -1.44 -18.91
N HIS A 594 -17.59 -0.94 -19.20
CA HIS A 594 -17.82 0.49 -19.36
C HIS A 594 -18.98 0.97 -18.51
N GLN A 595 -18.67 1.45 -17.31
CA GLN A 595 -19.68 2.02 -16.41
C GLN A 595 -19.89 3.49 -16.75
N SER A 596 -21.11 3.98 -16.58
CA SER A 596 -21.39 5.39 -16.82
C SER A 596 -20.92 6.24 -15.64
N ASN A 597 -20.34 7.39 -15.94
CA ASN A 597 -19.81 8.29 -14.90
C ASN A 597 -20.76 9.44 -14.60
N PRO A 598 -20.79 9.88 -13.34
CA PRO A 598 -21.52 11.11 -13.07
C PRO A 598 -20.77 12.32 -13.63
N ASP A 599 -21.41 13.49 -13.59
CA ASP A 599 -20.74 14.75 -13.91
C ASP A 599 -19.85 15.08 -12.72
N PHE A 600 -18.55 14.91 -12.87
CA PHE A 600 -17.65 15.03 -11.73
C PHE A 600 -17.56 16.46 -11.20
N MET A 601 -17.80 17.45 -12.05
CA MET A 601 -17.78 18.84 -11.58
C MET A 601 -19.03 19.18 -10.76
N LYS A 602 -20.20 18.72 -11.19
CA LYS A 602 -21.40 18.91 -10.39
C LYS A 602 -21.33 18.06 -9.11
N LEU A 603 -20.74 16.87 -9.21
CA LEU A 603 -20.53 16.04 -8.03
C LEU A 603 -19.70 16.77 -6.97
N ALA A 604 -18.57 17.33 -7.38
CA ALA A 604 -17.69 18.05 -6.47
C ALA A 604 -18.42 19.23 -5.83
N GLU A 605 -19.19 19.95 -6.63
CA GLU A 605 -19.97 21.06 -6.14
C GLU A 605 -20.97 20.59 -5.07
N SER A 606 -21.64 19.47 -5.31
CA SER A 606 -22.63 18.96 -4.36
C SER A 606 -21.97 18.57 -3.03
N MET A 607 -20.70 18.20 -3.10
CA MET A 607 -19.95 17.75 -1.94
C MET A 607 -19.23 18.89 -1.23
N ASN A 608 -19.41 20.11 -1.75
CA ASN A 608 -18.71 21.29 -1.26
C ASN A 608 -17.19 21.20 -1.45
N VAL A 609 -16.78 20.64 -2.57
CA VAL A 609 -15.38 20.50 -2.92
C VAL A 609 -15.10 21.27 -4.20
N LYS A 610 -13.94 21.94 -4.26
CA LYS A 610 -13.51 22.64 -5.47
C LYS A 610 -13.36 21.68 -6.64
N GLY A 611 -13.85 22.08 -7.81
CA GLY A 611 -13.75 21.24 -9.00
C GLY A 611 -12.99 21.89 -10.13
N ILE A 612 -12.12 21.11 -10.77
CA ILE A 612 -11.38 21.54 -11.95
C ILE A 612 -11.49 20.49 -13.03
N ARG A 613 -11.82 20.89 -14.26
CA ARG A 613 -11.87 19.93 -15.36
C ARG A 613 -10.89 20.31 -16.48
N ILE A 614 -10.00 19.39 -16.83
CA ILE A 614 -9.07 19.57 -17.93
C ILE A 614 -9.52 18.71 -19.10
N THR A 615 -9.84 19.35 -20.23
CA THR A 615 -10.37 18.61 -21.37
C THR A 615 -9.45 18.55 -22.59
N ASN A 616 -8.41 19.38 -22.64
CA ASN A 616 -7.51 19.37 -23.79
C ASN A 616 -6.06 19.64 -23.41
N GLN A 617 -5.14 19.41 -24.36
CA GLN A 617 -3.71 19.54 -24.11
C GLN A 617 -3.34 20.94 -23.62
N GLN A 618 -4.04 21.94 -24.14
CA GLN A 618 -3.68 23.33 -23.84
C GLN A 618 -4.06 23.75 -22.41
N GLU A 619 -4.89 22.95 -21.74
CA GLU A 619 -5.31 23.26 -20.37
C GLU A 619 -4.50 22.49 -19.33
N LEU A 620 -3.63 21.60 -19.79
CA LEU A 620 -2.95 20.67 -18.88
C LEU A 620 -2.11 21.34 -17.82
N LYS A 621 -1.18 22.19 -18.24
CA LYS A 621 -0.22 22.78 -17.32
C LYS A 621 -0.89 23.69 -16.32
N SER A 622 -1.72 24.61 -16.81
CA SER A 622 -2.39 25.56 -15.93
C SER A 622 -3.43 24.90 -15.04
N GLY A 623 -4.05 23.83 -15.53
CA GLY A 623 -5.04 23.11 -14.74
C GLY A 623 -4.40 22.38 -13.56
N VAL A 624 -3.27 21.73 -13.83
CA VAL A 624 -2.54 21.04 -12.78
C VAL A 624 -2.01 22.04 -11.74
N LYS A 625 -1.60 23.23 -12.19
CA LYS A 625 -1.10 24.23 -11.24
CA LYS A 625 -1.11 24.24 -11.27
C LYS A 625 -2.22 24.69 -10.31
N GLU A 626 -3.41 24.93 -10.86
CA GLU A 626 -4.55 25.34 -10.04
C GLU A 626 -4.89 24.26 -9.02
N PHE A 627 -4.77 23.01 -9.46
CA PHE A 627 -5.00 21.81 -8.65
C PHE A 627 -4.06 21.81 -7.44
N LEU A 628 -2.77 21.96 -7.70
CA LEU A 628 -1.76 21.88 -6.66
C LEU A 628 -1.72 23.15 -5.78
N ASP A 629 -2.07 24.30 -6.34
CA ASP A 629 -2.10 25.55 -5.58
C ASP A 629 -3.29 25.64 -4.61
N ALA A 630 -4.34 24.84 -4.86
CA ALA A 630 -5.53 24.89 -4.02
C ALA A 630 -5.20 24.58 -2.56
N THR A 631 -5.90 25.26 -1.65
CA THR A 631 -5.67 25.10 -0.22
C THR A 631 -6.90 24.51 0.46
N GLU A 632 -7.70 23.81 -0.33
CA GLU A 632 -8.94 23.21 0.13
C GLU A 632 -9.08 21.88 -0.59
N PRO A 633 -9.98 21.00 -0.12
CA PRO A 633 -10.21 19.76 -0.87
C PRO A 633 -10.55 20.07 -2.32
N VAL A 634 -9.94 19.35 -3.26
CA VAL A 634 -10.15 19.66 -4.66
C VAL A 634 -10.23 18.39 -5.50
N LEU A 635 -11.18 18.38 -6.43
CA LEU A 635 -11.33 17.29 -7.38
C LEU A 635 -10.97 17.77 -8.78
N LEU A 636 -9.92 17.17 -9.35
CA LEU A 636 -9.54 17.45 -10.72
C LEU A 636 -9.95 16.28 -11.61
N GLU A 637 -10.77 16.56 -12.61
CA GLU A 637 -11.07 15.56 -13.63
C GLU A 637 -10.24 15.83 -14.88
N VAL A 638 -9.56 14.82 -15.39
CA VAL A 638 -8.83 14.98 -16.65
C VAL A 638 -9.33 13.98 -17.69
N ILE A 639 -9.78 14.48 -18.83
CA ILE A 639 -10.17 13.63 -19.94
C ILE A 639 -8.91 13.07 -20.60
N VAL A 640 -8.75 11.75 -20.60
CA VAL A 640 -7.53 11.18 -21.20
C VAL A 640 -7.85 10.17 -22.28
N GLU A 641 -6.83 9.86 -23.09
CA GLU A 641 -6.94 8.90 -24.19
C GLU A 641 -7.46 7.56 -23.69
N LYS A 642 -8.38 6.96 -24.44
CA LYS A 642 -8.94 5.65 -24.09
C LYS A 642 -8.24 4.53 -24.83
N LYS A 643 -8.39 3.30 -24.33
CA LYS A 643 -7.84 2.11 -24.99
C LYS A 643 -6.34 2.25 -25.27
N VAL A 644 -5.60 2.61 -24.22
CA VAL A 644 -4.15 2.69 -24.27
C VAL A 644 -3.61 1.67 -23.28
N PRO A 645 -2.75 0.75 -23.75
CA PRO A 645 -2.23 -0.28 -22.85
C PRO A 645 -1.10 0.23 -21.97
N VAL A 646 -0.99 -0.32 -20.76
CA VAL A 646 0.16 -0.10 -19.92
C VAL A 646 1.29 -0.99 -20.42
N LEU A 647 2.44 -0.39 -20.70
CA LEU A 647 3.63 -1.12 -21.16
C LEU A 647 4.86 -0.54 -20.44
N PRO A 648 5.92 -1.35 -20.29
CA PRO A 648 6.07 -2.76 -20.67
C PRO A 648 5.12 -3.70 -19.92
N MET A 649 4.97 -4.91 -20.44
CA MET A 649 4.10 -5.90 -19.81
C MET A 649 4.71 -7.29 -19.95
N VAL A 650 4.85 -7.98 -18.82
CA VAL A 650 5.19 -9.40 -18.81
C VAL A 650 3.89 -10.21 -18.70
N PRO A 651 3.44 -10.79 -19.82
CA PRO A 651 2.19 -11.55 -19.85
C PRO A 651 2.24 -12.79 -18.95
N ALA A 652 1.08 -13.25 -18.50
CA ALA A 652 0.98 -14.44 -17.66
C ALA A 652 1.69 -15.62 -18.31
N GLY A 653 2.51 -16.33 -17.53
CA GLY A 653 3.21 -17.50 -18.03
C GLY A 653 4.58 -17.24 -18.59
N LYS A 654 4.90 -15.98 -18.88
CA LYS A 654 6.18 -15.63 -19.48
C LYS A 654 7.24 -15.33 -18.43
N ALA A 655 8.51 -15.55 -18.80
CA ALA A 655 9.64 -15.20 -17.95
C ALA A 655 9.72 -13.70 -17.77
N LEU A 656 10.30 -13.27 -16.66
CA LEU A 656 10.39 -11.86 -16.32
C LEU A 656 11.08 -11.02 -17.40
N ASP A 657 12.01 -11.61 -18.15
CA ASP A 657 12.68 -10.88 -19.23
C ASP A 657 12.07 -11.17 -20.59
N ASP A 658 10.85 -11.72 -20.60
CA ASP A 658 10.13 -11.97 -21.84
C ASP A 658 8.95 -11.00 -21.92
N PHE A 659 9.27 -9.72 -22.10
CA PHE A 659 8.31 -8.64 -21.96
C PHE A 659 7.79 -8.09 -23.31
N ILE A 660 6.62 -7.50 -23.28
CA ILE A 660 6.13 -6.71 -24.40
C ILE A 660 6.56 -5.26 -24.21
N LEU A 661 7.13 -4.67 -25.26
CA LEU A 661 7.58 -3.27 -25.21
C LEU A 661 6.69 -2.40 -26.07
N TRP A 662 6.67 -1.10 -25.79
CA TRP A 662 5.89 -0.18 -26.61
C TRP A 662 6.51 -0.03 -28.01
N ASP A 663 5.66 -0.01 -29.03
CA ASP A 663 6.06 0.19 -30.41
C ASP A 663 5.00 1.01 -31.14
N ALA A 664 5.40 2.12 -31.76
CA ALA A 664 4.45 3.04 -32.38
C ALA A 664 3.63 2.38 -33.48
N GLU A 665 4.29 1.57 -34.30
CA GLU A 665 3.62 0.92 -35.42
C GLU A 665 2.63 -0.12 -34.92
N VAL A 666 3.02 -0.86 -33.89
CA VAL A 666 2.16 -1.87 -33.30
C VAL A 666 0.91 -1.22 -32.71
N GLU A 667 1.08 -0.09 -32.04
CA GLU A 667 -0.06 0.61 -31.46
C GLU A 667 -1.04 1.02 -32.54
N LYS A 668 -0.53 1.52 -33.67
CA LYS A 668 -1.39 1.96 -34.76
C LYS A 668 -2.20 0.79 -35.34
N GLN A 669 -1.53 -0.34 -35.54
CA GLN A 669 -2.20 -1.53 -36.04
C GLN A 669 -3.25 -2.02 -35.07
N GLN A 670 -2.93 -1.97 -33.77
CA GLN A 670 -3.87 -2.35 -32.73
C GLN A 670 -5.12 -1.47 -32.79
N ASN A 671 -4.92 -0.17 -32.98
CA ASN A 671 -6.04 0.77 -33.09
C ASN A 671 -6.95 0.41 -34.25
N ASP A 672 -6.35 0.11 -35.40
CA ASP A 672 -7.10 -0.23 -36.60
C ASP A 672 -7.89 -1.52 -36.39
N LEU A 673 -7.24 -2.52 -35.82
CA LEU A 673 -7.87 -3.79 -35.51
C LEU A 673 -9.06 -3.58 -34.58
N ARG A 674 -8.84 -2.82 -33.51
CA ARG A 674 -9.91 -2.56 -32.54
C ARG A 674 -11.09 -1.87 -33.22
N LYS A 675 -10.78 -0.92 -34.09
CA LYS A 675 -11.80 -0.16 -34.80
C LYS A 675 -12.64 -1.07 -35.70
N GLU A 676 -11.96 -1.91 -36.48
CA GLU A 676 -12.64 -2.84 -37.37
C GLU A 676 -13.53 -3.80 -36.59
N ARG A 677 -12.96 -4.43 -35.57
CA ARG A 677 -13.69 -5.43 -34.79
C ARG A 677 -14.91 -4.88 -34.06
N THR A 678 -14.87 -3.61 -33.66
CA THR A 678 -15.98 -3.05 -32.87
C THR A 678 -16.90 -2.20 -33.73
N GLY A 679 -16.68 -2.22 -35.03
CA GLY A 679 -17.48 -1.43 -35.95
C GLY A 679 -17.27 0.05 -35.72
N GLY A 680 -16.08 0.42 -35.23
CA GLY A 680 -15.74 1.80 -34.98
C GLY A 680 -16.27 2.35 -33.67
N LYS A 681 -16.76 1.46 -32.80
CA LYS A 681 -17.31 1.89 -31.52
C LYS A 681 -16.22 2.25 -30.51
N TYR A 682 -15.04 1.64 -30.65
CA TYR A 682 -13.96 1.84 -29.69
C TYR A 682 -12.61 2.13 -30.34
K K B . 9.82 6.32 -11.77
MG MG C . -10.89 4.16 -16.06
C1 CIE D . -3.92 -14.59 -11.17
C2 CIE D . -3.10 -15.22 -12.20
C3 CIE D . -1.86 -15.78 -11.87
C4 CIE D . -1.40 -15.74 -10.53
C5 CIE D . -2.20 -15.11 -9.52
C6 CIE D . -3.46 -14.54 -9.84
C7 CIE D . -5.25 -13.95 -11.49
O7 CIE D . -6.18 -14.59 -11.77
O8 CIE D . -5.35 -12.56 -11.43
C9 CIE D . -6.66 -12.03 -11.47
C10 CIE D . -6.52 -10.57 -11.40
S11 CIE D . -3.62 -15.32 -13.93
OBA CIE D . -4.35 -16.56 -14.25
OBB CIE D . -2.50 -15.38 -14.73
N12 CIE D . -4.57 -14.04 -14.41
C13 CIE D . -4.07 -12.72 -14.24
O13 CIE D . -2.98 -12.51 -13.76
N14 CIE D . -4.99 -11.75 -14.70
N1' CIE D . -3.79 -9.84 -14.20
C2' CIE D . -4.83 -10.39 -14.66
N3' CIE D . -5.89 -9.66 -15.15
C4' CIE D . -5.91 -8.32 -15.17
CL4' CIE D . -7.31 -7.53 -15.81
C5' CIE D . -4.77 -7.66 -14.67
C6' CIE D . -3.69 -8.47 -14.17
O7' CIE D . -2.50 -7.88 -13.64
C8' CIE D . -2.61 -6.57 -13.35
PA FAD E . 4.75 -6.80 0.81
O1A FAD E . 3.65 -7.52 0.05
O2A FAD E . 4.21 -6.04 1.99
O5B FAD E . 5.84 -7.85 1.36
C5B FAD E . 6.79 -7.34 2.33
C4B FAD E . 7.65 -8.50 2.81
O4B FAD E . 8.65 -7.98 3.70
C3B FAD E . 6.83 -9.48 3.59
O3B FAD E . 7.29 -10.82 3.38
C2B FAD E . 7.02 -9.03 4.98
O2B FAD E . 6.80 -10.08 5.94
C1B FAD E . 8.42 -8.58 5.00
N9A FAD E . 8.66 -7.65 6.04
C8A FAD E . 7.79 -6.81 6.58
N7A FAD E . 8.39 -6.09 7.54
C5A FAD E . 9.69 -6.50 7.63
C6A FAD E . 10.83 -6.15 8.43
N6A FAD E . 10.73 -5.18 9.41
N1A FAD E . 11.99 -6.80 8.21
C2A FAD E . 12.10 -7.73 7.30
N3A FAD E . 11.07 -8.09 6.52
C4A FAD E . 9.86 -7.50 6.66
N1 FAD E . 4.22 -4.91 -7.80
C2 FAD E . 5.49 -4.79 -8.39
O2 FAD E . 6.48 -4.74 -7.68
N3 FAD E . 5.62 -4.77 -9.75
C4 FAD E . 4.52 -4.83 -10.58
O4 FAD E . 4.66 -4.80 -11.80
C4X FAD E . 3.14 -4.94 -9.97
N5 FAD E . 1.97 -5.01 -10.74
C5X FAD E . 0.78 -4.77 -10.12
C6 FAD E . -0.36 -4.50 -10.88
C7 FAD E . -1.58 -4.24 -10.24
C7M FAD E . -2.82 -3.92 -11.08
C8 FAD E . -1.68 -4.27 -8.84
C8M FAD E . -3.02 -3.99 -8.15
C9 FAD E . -0.54 -4.56 -8.09
C9A FAD E . 0.69 -4.80 -8.73
N10 FAD E . 1.81 -5.07 -7.98
C10 FAD E . 3.04 -4.97 -8.59
C1' FAD E . 1.79 -5.11 -6.55
C2' FAD E . 2.03 -6.56 -6.06
O2' FAD E . 0.80 -7.25 -6.18
C3' FAD E . 2.47 -6.61 -4.55
O3' FAD E . 1.53 -5.96 -3.80
C4' FAD E . 3.84 -6.00 -4.31
O4' FAD E . 4.79 -6.39 -5.31
C5' FAD E . 4.37 -6.46 -2.98
O5' FAD E . 5.55 -5.74 -2.73
P FAD E . 6.38 -6.06 -1.40
O1P FAD E . 6.90 -7.50 -1.42
O2P FAD E . 7.57 -5.09 -1.30
O3P FAD E . 5.46 -5.77 -0.14
N1' TP9 F . -13.59 -4.82 -7.99
C2' TP9 F . -12.78 -4.32 -7.09
CM2 TP9 F . -13.39 -3.88 -5.83
N3' TP9 F . -11.48 -4.19 -7.25
C4' TP9 F . -10.92 -4.60 -8.38
N4' TP9 F . -9.56 -4.45 -8.53
C5' TP9 F . -11.75 -5.14 -9.37
C6' TP9 F . -13.11 -5.24 -9.14
C7' TP9 F . -11.24 -5.63 -10.68
N3 TP9 F . -10.50 -4.66 -11.40
S1 TP9 F . -8.72 -2.68 -12.41
C5 TP9 F . -10.42 -2.60 -12.66
C4 TP9 F . -11.13 -3.70 -12.24
CM4 TP9 F . -12.52 -3.94 -12.65
C6 TP9 F . -10.97 -1.35 -13.28
C7 TP9 F . -10.18 -0.10 -13.14
O7 TP9 F . -10.85 0.99 -13.65
PA TP9 F . -10.35 2.38 -13.35
O1A TP9 F . -11.22 3.25 -14.03
O2A TP9 F . -10.48 2.68 -11.99
O3A TP9 F . -8.88 2.50 -13.73
PB TP9 F . -8.27 2.48 -15.13
O1B TP9 F . -7.21 3.41 -15.14
O2B TP9 F . -7.65 1.20 -15.38
O3B TP9 F . -9.18 2.82 -16.15
S01 G8G G . -8.60 -2.33 -12.11
C02 G8G G . -10.30 -2.69 -12.52
C03 G8G G . -10.87 -1.48 -13.29
C04 G8G G . -10.11 -0.21 -13.11
O05 G8G G . -10.98 0.89 -13.44
P06 G8G G . -10.41 2.40 -13.36
O07 G8G G . -8.86 2.42 -13.71
P08 G8G G . -8.14 2.51 -15.12
O09 G8G G . -9.10 2.83 -16.24
O10 G8G G . -7.43 1.20 -15.40
O11 G8G G . -7.07 3.66 -15.00
O12 G8G G . -10.55 2.86 -11.94
O13 G8G G . -11.19 3.27 -14.24
C14 G8G G . -10.98 -3.85 -12.19
C15 G8G G . -12.47 -4.09 -12.57
N16 G8G G . -10.46 -4.98 -11.46
C17 G8G G . -9.02 -5.39 -11.55
O18 G8G G . -8.21 -5.09 -10.65
C19 G8G G . -11.32 -5.82 -10.66
C20 G8G G . -11.79 -5.22 -9.33
C21 G8G G . -10.91 -4.64 -8.34
N22 G8G G . -9.47 -4.55 -8.53
N23 G8G G . -11.46 -4.15 -7.18
C24 G8G G . -12.75 -4.22 -6.97
C25 G8G G . -13.31 -3.68 -5.67
N26 G8G G . -13.60 -4.76 -7.86
C27 G8G G . -13.16 -5.27 -9.03
C FMT H . -8.04 -6.97 -12.66
O1 FMT H . -8.68 -7.66 -11.82
O2 FMT H . -7.18 -6.12 -12.26
#